data_8REN
#
_entry.id   8REN
#
_cell.length_a   53.683
_cell.length_b   116.615
_cell.length_c   140.569
_cell.angle_alpha   90
_cell.angle_beta   90
_cell.angle_gamma   90
#
_symmetry.space_group_name_H-M   'P 21 21 21'
#
loop_
_entity.id
_entity.type
_entity.pdbx_description
1 polymer 'Flavin-dependent thymidylate synthase'
2 non-polymer 'TETRAETHYLENE GLYCOL'
3 non-polymer 'DIHYDROFLAVINE-ADENINE DINUCLEOTIDE'
4 non-polymer DI(HYDROXYETHYL)ETHER
5 water water
#
_entity_poly.entity_id   1
_entity_poly.type   'polypeptide(L)'
_entity_poly.pdbx_seq_one_letter_code
;MGSDKIHHHHHHMKIDILDKGFVELVDVMGNDLSAVRAARVSFDMGLKDEERDRHLIEYLMKHGHETPFEHIVFTFHVKA
PIFVARQWFRHRIASYNELSGRYSKLSYEFYIPSPERLEGYKTTIPPERVTEKISEIVDKAYRTYLELIESGVPREVARI
VLPLNLYTRFFWTVNARSLMNFLNLRADSHAQWEIQQYALAIARIFKEKCPWTFEAFLKYAYKGDILKEVQV
;
_entity_poly.pdbx_strand_id   A,B,C,D
#
loop_
_chem_comp.id
_chem_comp.type
_chem_comp.name
_chem_comp.formula
FDA non-polymer 'DIHYDROFLAVINE-ADENINE DINUCLEOTIDE' 'C27 H35 N9 O15 P2'
PEG non-polymer DI(HYDROXYETHYL)ETHER 'C4 H10 O3'
PG4 non-polymer 'TETRAETHYLENE GLYCOL' 'C8 H18 O5'
#
# COMPACT_ATOMS: atom_id res chain seq x y z
N HIS A 12 26.22 13.01 2.44
CA HIS A 12 25.92 12.03 3.48
C HIS A 12 25.84 12.67 4.87
N MET A 13 24.84 13.57 5.03
CA MET A 13 24.45 14.27 6.24
C MET A 13 24.13 13.27 7.34
N LYS A 14 24.71 13.49 8.51
CA LYS A 14 24.43 12.66 9.66
C LYS A 14 24.02 13.57 10.83
N ILE A 15 23.02 13.14 11.59
CA ILE A 15 22.58 13.88 12.76
C ILE A 15 22.52 12.91 13.89
N ASP A 16 23.22 13.19 14.97
CA ASP A 16 23.23 12.35 16.15
C ASP A 16 22.00 12.64 16.96
N ILE A 17 21.32 11.58 17.38
CA ILE A 17 20.10 11.69 18.17
C ILE A 17 20.27 10.80 19.39
N LEU A 18 19.90 11.32 20.57
CA LEU A 18 20.03 10.59 21.84
C LEU A 18 21.53 10.36 22.20
N ASP A 19 21.85 9.42 23.10
CA ASP A 19 23.23 9.20 23.49
C ASP A 19 24.08 8.44 22.45
N LYS A 20 23.44 7.56 21.63
CA LYS A 20 24.21 6.74 20.68
C LYS A 20 23.53 6.54 19.29
N GLY A 21 22.37 7.13 19.08
CA GLY A 21 21.65 6.97 17.82
C GLY A 21 21.98 8.00 16.77
N PHE A 22 21.45 7.81 15.56
CA PHE A 22 21.67 8.73 14.46
C PHE A 22 20.64 8.61 13.36
N VAL A 23 20.62 9.60 12.45
CA VAL A 23 19.82 9.64 11.24
C VAL A 23 20.81 10.11 10.18
N GLU A 24 21.07 9.24 9.23
CA GLU A 24 22.03 9.51 8.19
C GLU A 24 21.33 9.42 6.84
N LEU A 25 21.58 10.38 5.94
CA LEU A 25 21.00 10.33 4.61
C LEU A 25 21.89 9.46 3.73
N VAL A 26 21.33 8.35 3.23
CA VAL A 26 22.07 7.43 2.35
C VAL A 26 21.96 7.89 0.91
N ASP A 27 20.75 8.26 0.47
CA ASP A 27 20.53 8.67 -0.92
C ASP A 27 19.23 9.45 -1.07
N VAL A 28 19.08 10.17 -2.17
CA VAL A 28 17.88 10.92 -2.47
C VAL A 28 17.66 10.89 -3.99
N MET A 29 16.42 10.75 -4.43
CA MET A 29 16.10 10.82 -5.84
C MET A 29 15.25 12.06 -6.04
N GLY A 30 15.78 13.01 -6.78
CA GLY A 30 15.05 14.23 -7.09
C GLY A 30 15.19 15.36 -6.11
N ASN A 31 14.44 16.43 -6.38
CA ASN A 31 14.39 17.65 -5.59
C ASN A 31 12.99 18.28 -5.77
N ASP A 32 12.79 19.58 -5.44
CA ASP A 32 11.49 20.23 -5.62
C ASP A 32 10.99 20.12 -7.06
N LEU A 33 11.92 20.20 -8.02
CA LEU A 33 11.56 20.13 -9.43
C LEU A 33 11.02 18.77 -9.85
N SER A 34 11.30 17.70 -9.10
CA SER A 34 10.75 16.39 -9.42
C SER A 34 9.23 16.38 -9.22
N ALA A 35 8.73 17.13 -8.22
CA ALA A 35 7.29 17.25 -7.99
C ALA A 35 6.68 18.12 -9.09
N VAL A 36 7.38 19.19 -9.53
CA VAL A 36 6.95 20.09 -10.60
C VAL A 36 6.83 19.29 -11.91
N ARG A 37 7.86 18.48 -12.22
CA ARG A 37 7.93 17.64 -13.42
C ARG A 37 6.83 16.59 -13.42
N ALA A 38 6.53 15.98 -12.27
CA ALA A 38 5.47 14.98 -12.17
C ALA A 38 4.08 15.61 -12.30
N ALA A 39 3.87 16.82 -11.75
CA ALA A 39 2.58 17.49 -11.85
C ALA A 39 2.27 17.91 -13.29
N ARG A 40 3.27 18.45 -14.01
CA ARG A 40 3.07 18.83 -15.41
C ARG A 40 3.18 17.65 -16.37
N VAL A 41 3.84 16.56 -15.95
CA VAL A 41 4.16 15.33 -16.68
C VAL A 41 5.02 15.72 -17.92
N SER A 42 6.17 16.34 -17.62
CA SER A 42 7.11 16.77 -18.63
C SER A 42 8.53 16.70 -18.10
N PHE A 43 9.42 16.12 -18.91
CA PHE A 43 10.84 16.03 -18.59
C PHE A 43 11.50 17.26 -19.24
N ASP A 44 11.09 18.46 -18.81
CA ASP A 44 11.55 19.74 -19.32
C ASP A 44 11.41 20.82 -18.25
N LYS A 48 12.31 27.35 -16.85
CA LYS A 48 13.44 28.05 -16.24
C LYS A 48 13.02 29.17 -15.29
N ASP A 49 11.76 29.18 -14.81
CA ASP A 49 11.28 30.22 -13.92
C ASP A 49 11.11 29.71 -12.50
N GLU A 50 12.07 29.98 -11.62
CA GLU A 50 12.02 29.58 -10.22
C GLU A 50 10.77 30.11 -9.52
N GLU A 51 10.37 31.35 -9.82
CA GLU A 51 9.17 31.93 -9.21
C GLU A 51 7.90 31.20 -9.63
N ARG A 52 7.82 30.76 -10.90
CA ARG A 52 6.68 30.01 -11.41
C ARG A 52 6.66 28.58 -10.90
N ASP A 53 7.86 27.97 -10.73
CA ASP A 53 7.96 26.60 -10.24
C ASP A 53 7.63 26.53 -8.76
N ARG A 54 8.10 27.52 -7.98
CA ARG A 54 7.80 27.58 -6.55
C ARG A 54 6.32 27.85 -6.28
N HIS A 55 5.67 28.61 -7.17
CA HIS A 55 4.24 28.92 -7.10
C HIS A 55 3.41 27.64 -7.30
N LEU A 56 3.88 26.75 -8.20
CA LEU A 56 3.23 25.47 -8.47
C LEU A 56 3.34 24.54 -7.24
N ILE A 57 4.51 24.50 -6.58
CA ILE A 57 4.72 23.70 -5.36
C ILE A 57 3.73 24.12 -4.28
N GLU A 58 3.59 25.43 -4.04
CA GLU A 58 2.67 26.02 -3.06
C GLU A 58 1.22 25.73 -3.47
N TYR A 59 0.90 25.83 -4.77
CA TYR A 59 -0.43 25.53 -5.27
C TYR A 59 -0.81 24.07 -4.95
N LEU A 60 0.09 23.11 -5.26
CA LEU A 60 -0.12 21.68 -5.04
C LEU A 60 -0.40 21.41 -3.57
N MET A 61 0.39 22.02 -2.68
CA MET A 61 0.26 21.87 -1.25
C MET A 61 -1.03 22.49 -0.69
N LYS A 62 -1.46 23.66 -1.19
CA LYS A 62 -2.70 24.28 -0.69
C LYS A 62 -3.91 23.46 -1.08
N HIS A 63 -3.94 22.98 -2.33
CA HIS A 63 -5.12 22.30 -2.84
C HIS A 63 -5.16 20.79 -2.60
N GLY A 64 -4.20 20.26 -1.87
CA GLY A 64 -4.19 18.84 -1.54
C GLY A 64 -3.81 17.89 -2.66
N HIS A 65 -3.18 18.39 -3.73
CA HIS A 65 -2.71 17.50 -4.81
C HIS A 65 -1.32 17.04 -4.34
N GLU A 66 -1.30 15.98 -3.54
CA GLU A 66 -0.08 15.48 -2.92
C GLU A 66 0.68 14.44 -3.72
N THR A 67 0.01 13.76 -4.67
CA THR A 67 0.63 12.72 -5.46
C THR A 67 1.95 13.15 -6.17
N PRO A 68 2.14 14.40 -6.70
CA PRO A 68 3.44 14.74 -7.32
C PRO A 68 4.62 14.63 -6.36
N PHE A 69 4.37 14.83 -5.06
CA PHE A 69 5.41 14.71 -4.04
C PHE A 69 5.86 13.27 -3.79
N GLU A 70 5.16 12.28 -4.34
CA GLU A 70 5.57 10.88 -4.23
C GLU A 70 6.77 10.54 -5.13
N HIS A 71 7.12 11.42 -6.07
CA HIS A 71 8.21 11.22 -7.01
C HIS A 71 9.58 11.74 -6.50
N ILE A 72 9.63 12.18 -5.24
CA ILE A 72 10.85 12.57 -4.52
C ILE A 72 11.02 11.44 -3.52
N VAL A 73 12.13 10.71 -3.56
CA VAL A 73 12.35 9.58 -2.66
C VAL A 73 13.63 9.78 -1.82
N PHE A 74 13.63 9.32 -0.58
CA PHE A 74 14.79 9.41 0.30
C PHE A 74 15.14 8.04 0.84
N THR A 75 16.42 7.82 1.12
CA THR A 75 16.86 6.61 1.82
C THR A 75 17.63 7.07 3.04
N PHE A 76 17.23 6.61 4.21
CA PHE A 76 17.89 6.97 5.46
C PHE A 76 18.47 5.72 6.12
N HIS A 77 19.55 5.89 6.89
CA HIS A 77 20.15 4.85 7.69
C HIS A 77 19.93 5.36 9.10
N VAL A 78 19.14 4.64 9.89
CA VAL A 78 18.74 5.10 11.21
C VAL A 78 19.16 4.14 12.30
N LYS A 79 19.74 4.68 13.38
CA LYS A 79 20.11 3.88 14.54
C LYS A 79 19.16 4.36 15.64
N ALA A 80 18.26 3.50 16.14
CA ALA A 80 17.28 3.93 17.15
C ALA A 80 16.93 2.84 18.14
N PRO A 81 16.51 3.19 19.38
CA PRO A 81 16.10 2.12 20.31
C PRO A 81 14.83 1.42 19.83
N ILE A 82 14.66 0.14 20.15
CA ILE A 82 13.52 -0.64 19.68
C ILE A 82 12.17 0.03 19.98
N PHE A 83 12.03 0.74 21.12
CA PHE A 83 10.76 1.42 21.40
C PHE A 83 10.47 2.54 20.39
N VAL A 84 11.51 3.19 19.86
CA VAL A 84 11.34 4.23 18.84
C VAL A 84 11.08 3.58 17.49
N ALA A 85 11.84 2.53 17.16
CA ALA A 85 11.69 1.78 15.91
C ALA A 85 10.31 1.16 15.78
N ARG A 86 9.72 0.63 16.86
CA ARG A 86 8.39 0.02 16.82
C ARG A 86 7.34 1.02 16.39
N GLN A 87 7.43 2.28 16.85
CA GLN A 87 6.49 3.30 16.44
C GLN A 87 6.75 3.72 14.98
N TRP A 88 8.04 3.86 14.60
CA TRP A 88 8.46 4.25 13.27
C TRP A 88 7.94 3.25 12.23
N PHE A 89 8.14 1.95 12.49
CA PHE A 89 7.75 0.87 11.59
C PHE A 89 6.23 0.76 11.38
N ARG A 90 5.42 1.48 12.19
CA ARG A 90 3.97 1.55 12.00
C ARG A 90 3.62 2.31 10.70
N HIS A 91 4.55 3.11 10.16
CA HIS A 91 4.32 3.83 8.90
C HIS A 91 4.53 2.83 7.76
N ARG A 92 3.41 2.24 7.30
CA ARG A 92 3.39 1.17 6.31
C ARG A 92 3.76 1.61 4.91
N ILE A 93 3.51 2.88 4.57
CA ILE A 93 3.79 3.35 3.21
C ILE A 93 5.25 3.78 3.12
N ALA A 94 6.15 2.80 3.19
CA ALA A 94 7.61 2.97 3.20
C ALA A 94 8.30 1.57 3.08
N SER A 95 9.62 1.56 2.86
CA SER A 95 10.43 0.36 2.79
C SER A 95 11.39 0.33 3.99
N TYR A 96 11.59 -0.84 4.57
CA TYR A 96 12.44 -1.00 5.73
C TYR A 96 13.28 -2.24 5.60
N ASN A 97 14.51 -2.18 6.09
CA ASN A 97 15.36 -3.34 6.20
C ASN A 97 16.26 -3.14 7.40
N GLU A 98 15.95 -3.88 8.45
CA GLU A 98 16.58 -3.83 9.76
C GLU A 98 17.71 -4.84 9.88
N LEU A 99 18.73 -4.49 10.66
CA LEU A 99 19.87 -5.36 10.88
C LEU A 99 19.46 -6.52 11.77
N SER A 100 19.58 -7.73 11.25
CA SER A 100 19.19 -8.94 11.96
C SER A 100 20.36 -9.83 12.33
N GLY A 101 21.51 -9.66 11.67
CA GLY A 101 22.67 -10.50 11.92
C GLY A 101 22.84 -11.62 10.92
N ARG A 102 22.03 -11.65 9.85
CA ARG A 102 22.13 -12.68 8.83
C ARG A 102 23.15 -12.30 7.75
N TYR A 103 23.32 -10.99 7.48
CA TYR A 103 24.25 -10.51 6.44
C TYR A 103 25.36 -9.59 6.96
N SER A 104 25.32 -9.20 8.23
CA SER A 104 26.29 -8.27 8.83
C SER A 104 26.31 -8.41 10.36
N LYS A 105 27.37 -7.90 11.00
CA LYS A 105 27.57 -8.01 12.44
C LYS A 105 26.51 -7.31 13.30
N LEU A 106 26.02 -8.03 14.31
CA LEU A 106 25.01 -7.56 15.27
C LEU A 106 25.72 -6.91 16.46
N SER A 107 25.21 -5.76 16.94
CA SER A 107 25.83 -5.02 18.04
C SER A 107 24.87 -4.80 19.23
N TYR A 108 25.41 -4.60 20.45
CA TYR A 108 24.56 -4.43 21.63
C TYR A 108 24.84 -3.15 22.41
N GLU A 109 24.00 -2.14 22.20
CA GLU A 109 24.06 -0.83 22.86
C GLU A 109 22.67 -0.42 23.33
N PHE A 110 22.59 0.42 24.37
CA PHE A 110 21.31 0.80 24.96
C PHE A 110 21.13 2.28 25.18
N TYR A 111 19.89 2.75 25.03
CA TYR A 111 19.60 4.17 25.23
C TYR A 111 19.40 4.48 26.71
N ILE A 112 20.33 5.22 27.29
CA ILE A 112 20.20 5.64 28.68
C ILE A 112 19.78 7.10 28.67
N PRO A 113 18.56 7.41 29.13
CA PRO A 113 18.10 8.80 29.12
C PRO A 113 18.95 9.66 30.05
N SER A 114 19.24 10.89 29.65
CA SER A 114 19.99 11.79 30.50
C SER A 114 19.03 12.36 31.56
N PRO A 115 19.56 12.79 32.73
CA PRO A 115 18.66 13.33 33.77
C PRO A 115 17.79 14.48 33.29
N GLU A 116 18.25 15.23 32.30
CA GLU A 116 17.52 16.36 31.71
C GLU A 116 16.18 15.93 31.10
N ARG A 117 16.08 14.66 30.64
CA ARG A 117 14.87 14.07 30.08
C ARG A 117 13.72 14.08 31.12
N LEU A 118 14.06 13.87 32.39
CA LEU A 118 13.06 13.81 33.44
C LEU A 118 12.71 15.16 34.04
N GLU A 119 13.59 16.19 33.87
CA GLU A 119 13.37 17.54 34.35
C GLU A 119 12.09 18.08 33.71
N GLY A 120 11.13 18.45 34.55
CA GLY A 120 9.82 18.86 34.12
C GLY A 120 8.72 18.02 34.77
N TYR A 121 9.06 16.80 35.19
CA TYR A 121 8.15 15.91 35.88
C TYR A 121 8.55 15.91 37.35
N LYS A 122 7.58 16.09 38.25
CA LYS A 122 7.89 16.09 39.68
C LYS A 122 8.10 14.64 40.09
N THR A 123 9.36 14.26 40.38
CA THR A 123 9.66 12.89 40.77
C THR A 123 10.11 12.79 42.21
N THR A 124 9.80 11.67 42.87
CA THR A 124 10.19 11.44 44.26
C THR A 124 11.69 11.11 44.38
N ILE A 125 12.29 10.56 43.32
CA ILE A 125 13.72 10.27 43.30
C ILE A 125 14.40 11.20 42.27
N PRO A 126 15.65 11.63 42.54
CA PRO A 126 16.33 12.54 41.59
C PRO A 126 16.40 11.98 40.18
N PRO A 127 16.39 12.84 39.15
CA PRO A 127 16.46 12.35 37.77
C PRO A 127 17.73 11.52 37.48
N GLU A 128 18.84 11.81 38.16
CA GLU A 128 20.10 11.05 38.05
C GLU A 128 19.92 9.62 38.58
N ARG A 129 19.05 9.44 39.58
CA ARG A 129 18.74 8.13 40.15
C ARG A 129 17.89 7.31 39.16
N VAL A 130 17.03 7.96 38.37
CA VAL A 130 16.22 7.30 37.34
C VAL A 130 17.15 6.79 36.23
N THR A 131 18.12 7.63 35.82
CA THR A 131 19.13 7.31 34.84
C THR A 131 19.94 6.08 35.30
N GLU A 132 20.34 6.09 36.58
CA GLU A 132 21.09 5.00 37.23
C GLU A 132 20.27 3.71 37.24
N LYS A 133 18.99 3.77 37.66
CA LYS A 133 18.10 2.61 37.71
C LYS A 133 17.93 1.99 36.31
N ILE A 134 17.85 2.84 35.28
CA ILE A 134 17.73 2.38 33.91
C ILE A 134 19.04 1.70 33.44
N SER A 135 20.22 2.32 33.70
CA SER A 135 21.53 1.71 33.35
C SER A 135 21.72 0.38 34.04
N GLU A 136 21.29 0.29 35.31
CA GLU A 136 21.43 -0.90 36.12
C GLU A 136 20.69 -2.07 35.47
N ILE A 137 19.43 -1.82 35.08
CA ILE A 137 18.57 -2.81 34.44
C ILE A 137 19.18 -3.31 33.14
N VAL A 138 19.67 -2.40 32.26
CA VAL A 138 20.26 -2.85 31.00
C VAL A 138 21.54 -3.62 31.22
N ASP A 139 22.30 -3.27 32.25
CA ASP A 139 23.55 -3.97 32.53
C ASP A 139 23.27 -5.41 32.98
N LYS A 140 22.34 -5.58 33.91
CA LYS A 140 21.93 -6.89 34.42
C LYS A 140 21.29 -7.74 33.31
N ALA A 141 20.37 -7.16 32.53
CA ALA A 141 19.70 -7.88 31.45
C ALA A 141 20.70 -8.31 30.38
N TYR A 142 21.63 -7.41 30.04
CA TYR A 142 22.66 -7.71 29.05
C TYR A 142 23.60 -8.82 29.54
N ARG A 143 23.99 -8.75 30.82
CA ARG A 143 24.86 -9.75 31.42
C ARG A 143 24.16 -11.11 31.43
N THR A 144 22.86 -11.13 31.77
CA THR A 144 22.06 -12.35 31.77
C THR A 144 22.02 -12.96 30.36
N TYR A 145 21.85 -12.10 29.34
CA TYR A 145 21.84 -12.50 27.93
C TYR A 145 23.17 -13.21 27.59
N LEU A 146 24.31 -12.57 27.91
CA LEU A 146 25.63 -13.14 27.66
C LEU A 146 25.84 -14.47 28.39
N GLU A 147 25.38 -14.57 29.65
CA GLU A 147 25.50 -15.81 30.41
C GLU A 147 24.72 -16.94 29.71
N LEU A 148 23.51 -16.65 29.24
CA LEU A 148 22.70 -17.65 28.55
C LEU A 148 23.33 -18.05 27.22
N ILE A 149 23.89 -17.08 26.47
CA ILE A 149 24.59 -17.34 25.22
C ILE A 149 25.79 -18.26 25.47
N GLU A 150 26.63 -17.93 26.48
CA GLU A 150 27.79 -18.72 26.87
C GLU A 150 27.41 -20.13 27.28
N SER A 151 26.22 -20.30 27.87
CA SER A 151 25.77 -21.62 28.29
C SER A 151 25.15 -22.48 27.17
N GLY A 152 25.13 -21.99 25.93
CA GLY A 152 24.59 -22.76 24.81
C GLY A 152 23.13 -22.53 24.45
N VAL A 153 22.50 -21.50 25.05
CA VAL A 153 21.11 -21.17 24.74
C VAL A 153 21.11 -20.40 23.42
N PRO A 154 20.28 -20.78 22.44
CA PRO A 154 20.27 -20.04 21.17
C PRO A 154 19.96 -18.56 21.33
N ARG A 155 20.58 -17.71 20.50
CA ARG A 155 20.40 -16.25 20.54
C ARG A 155 18.95 -15.81 20.48
N GLU A 156 18.14 -16.46 19.61
CA GLU A 156 16.72 -16.13 19.47
C GLU A 156 15.94 -16.28 20.78
N VAL A 157 16.39 -17.18 21.68
CA VAL A 157 15.77 -17.37 22.98
C VAL A 157 16.38 -16.41 24.01
N ALA A 158 17.71 -16.39 24.15
CA ALA A 158 18.37 -15.52 25.13
C ALA A 158 18.10 -14.03 24.97
N ARG A 159 17.86 -13.56 23.72
CA ARG A 159 17.62 -12.14 23.48
C ARG A 159 16.30 -11.62 24.02
N ILE A 160 15.34 -12.51 24.32
CA ILE A 160 14.02 -12.09 24.78
C ILE A 160 14.04 -11.34 26.13
N VAL A 161 15.14 -11.44 26.89
CA VAL A 161 15.27 -10.72 28.15
C VAL A 161 15.83 -9.30 27.97
N LEU A 162 16.31 -8.95 26.77
CA LEU A 162 16.90 -7.63 26.50
C LEU A 162 15.82 -6.54 26.53
N PRO A 163 16.14 -5.36 27.09
CA PRO A 163 15.11 -4.30 27.21
C PRO A 163 14.77 -3.55 25.92
N LEU A 164 13.65 -2.81 25.95
CA LEU A 164 13.15 -2.04 24.80
C LEU A 164 14.06 -0.87 24.39
N ASN A 165 15.01 -0.48 25.24
CA ASN A 165 15.95 0.59 24.87
C ASN A 165 17.17 0.08 24.10
N LEU A 166 17.19 -1.22 23.72
CA LEU A 166 18.25 -1.80 22.90
C LEU A 166 18.23 -1.09 21.55
N TYR A 167 19.37 -0.58 21.09
CA TYR A 167 19.47 0.08 19.79
C TYR A 167 19.39 -0.94 18.66
N THR A 168 18.80 -0.51 17.56
CA THR A 168 18.73 -1.29 16.34
C THR A 168 19.05 -0.36 15.16
N ARG A 169 19.39 -0.94 14.01
CA ARG A 169 19.68 -0.15 12.82
C ARG A 169 18.82 -0.62 11.66
N PHE A 170 18.37 0.33 10.85
CA PHE A 170 17.55 0.01 9.70
C PHE A 170 17.72 1.03 8.58
N PHE A 171 17.39 0.61 7.35
CA PHE A 171 17.36 1.48 6.18
C PHE A 171 15.89 1.83 5.97
N TRP A 172 15.59 3.10 5.70
CA TRP A 172 14.22 3.54 5.49
C TRP A 172 14.14 4.22 4.14
N THR A 173 13.40 3.64 3.19
CA THR A 173 13.21 4.28 1.89
C THR A 173 11.77 4.78 1.87
N VAL A 174 11.60 6.10 1.77
CA VAL A 174 10.28 6.71 1.86
C VAL A 174 10.15 7.91 0.89
N ASN A 175 8.96 8.12 0.32
CA ASN A 175 8.76 9.28 -0.57
C ASN A 175 8.36 10.54 0.24
N ALA A 176 8.43 11.72 -0.37
CA ALA A 176 8.14 12.97 0.33
C ALA A 176 6.72 13.05 0.88
N ARG A 177 5.72 12.45 0.20
CA ARG A 177 4.34 12.48 0.71
C ARG A 177 4.20 11.67 2.02
N SER A 178 4.74 10.44 2.04
CA SER A 178 4.70 9.60 3.23
C SER A 178 5.59 10.18 4.34
N LEU A 179 6.71 10.82 3.98
CA LEU A 179 7.60 11.49 4.92
C LEU A 179 6.85 12.68 5.58
N MET A 180 6.00 13.38 4.81
CA MET A 180 5.23 14.49 5.35
C MET A 180 4.16 13.99 6.33
N ASN A 181 3.57 12.80 6.08
CA ASN A 181 2.61 12.20 6.99
C ASN A 181 3.34 11.82 8.30
N PHE A 182 4.56 11.27 8.19
CA PHE A 182 5.40 10.92 9.33
C PHE A 182 5.70 12.16 10.16
N LEU A 183 6.02 13.29 9.52
CA LEU A 183 6.32 14.53 10.24
C LEU A 183 5.09 15.09 10.94
N ASN A 184 3.90 14.96 10.33
CA ASN A 184 2.66 15.43 10.94
C ASN A 184 2.40 14.75 12.28
N LEU A 185 2.69 13.44 12.35
CA LEU A 185 2.46 12.61 13.53
C LEU A 185 3.61 12.59 14.53
N ARG A 186 4.86 12.53 14.07
CA ARG A 186 6.00 12.40 14.95
C ARG A 186 6.64 13.74 15.32
N ALA A 187 6.65 14.72 14.41
CA ALA A 187 7.20 16.03 14.74
C ALA A 187 6.08 16.84 15.38
N ASP A 188 5.67 16.42 16.57
CA ASP A 188 4.56 17.01 17.29
C ASP A 188 4.72 16.70 18.79
N SER A 189 4.35 17.66 19.66
CA SER A 189 4.50 17.49 21.11
C SER A 189 3.70 16.32 21.72
N HIS A 190 2.65 15.82 21.02
CA HIS A 190 1.90 14.66 21.51
C HIS A 190 2.65 13.34 21.29
N ALA A 191 3.66 13.33 20.41
CA ALA A 191 4.48 12.15 20.19
C ALA A 191 5.53 12.03 21.29
N GLN A 192 6.08 10.84 21.52
CA GLN A 192 7.12 10.66 22.54
C GLN A 192 8.36 11.52 22.20
N TRP A 193 8.96 12.18 23.20
CA TRP A 193 10.12 13.05 23.02
C TRP A 193 11.23 12.44 22.17
N GLU A 194 11.53 11.15 22.39
CA GLU A 194 12.55 10.43 21.64
C GLU A 194 12.26 10.39 20.16
N ILE A 195 11.01 10.09 19.75
CA ILE A 195 10.70 10.06 18.33
C ILE A 195 10.61 11.48 17.77
N GLN A 196 10.26 12.50 18.58
CA GLN A 196 10.23 13.91 18.13
C GLN A 196 11.63 14.32 17.70
N GLN A 197 12.67 13.91 18.45
CA GLN A 197 14.05 14.22 18.10
C GLN A 197 14.39 13.62 16.74
N TYR A 198 14.05 12.32 16.55
CA TYR A 198 14.28 11.63 15.29
C TYR A 198 13.56 12.31 14.14
N ALA A 199 12.30 12.73 14.37
CA ALA A 199 11.51 13.43 13.37
C ALA A 199 12.11 14.81 13.03
N LEU A 200 12.70 15.50 14.02
CA LEU A 200 13.34 16.79 13.77
C LEU A 200 14.52 16.62 12.83
N ALA A 201 15.30 15.51 12.98
CA ALA A 201 16.43 15.21 12.11
C ALA A 201 15.97 14.89 10.71
N ILE A 202 14.85 14.16 10.57
CA ILE A 202 14.26 13.84 9.26
C ILE A 202 13.82 15.13 8.58
N ALA A 203 13.16 16.02 9.33
CA ALA A 203 12.68 17.31 8.82
C ALA A 203 13.85 18.19 8.38
N ARG A 204 14.94 18.16 9.12
CA ARG A 204 16.14 18.94 8.80
C ARG A 204 16.72 18.48 7.46
N ILE A 205 16.84 17.15 7.24
CA ILE A 205 17.37 16.62 5.99
C ILE A 205 16.43 16.92 4.83
N PHE A 206 15.12 16.77 5.08
CA PHE A 206 14.08 17.05 4.09
C PHE A 206 14.14 18.52 3.66
N LYS A 207 14.22 19.47 4.61
CA LYS A 207 14.32 20.90 4.32
C LYS A 207 15.55 21.22 3.46
N GLU A 208 16.67 20.56 3.74
CA GLU A 208 17.92 20.76 3.01
C GLU A 208 17.79 20.34 1.55
N LYS A 209 17.12 19.20 1.28
CA LYS A 209 17.00 18.69 -0.08
C LYS A 209 15.80 19.25 -0.86
N CYS A 210 14.73 19.58 -0.16
CA CYS A 210 13.52 20.11 -0.77
C CYS A 210 13.06 21.37 -0.04
N PRO A 211 13.81 22.48 -0.15
CA PRO A 211 13.42 23.71 0.57
C PRO A 211 12.04 24.23 0.23
N TRP A 212 11.70 24.24 -1.06
CA TRP A 212 10.41 24.74 -1.51
C TRP A 212 9.25 23.89 -1.01
N THR A 213 9.37 22.55 -1.09
CA THR A 213 8.34 21.61 -0.63
C THR A 213 8.18 21.70 0.89
N PHE A 214 9.31 21.79 1.62
CA PHE A 214 9.28 21.88 3.08
C PHE A 214 8.61 23.17 3.54
N GLU A 215 8.94 24.31 2.89
CA GLU A 215 8.34 25.59 3.24
C GLU A 215 6.83 25.55 2.97
N ALA A 216 6.42 24.99 1.83
CA ALA A 216 5.00 24.88 1.49
C ALA A 216 4.26 23.93 2.44
N PHE A 217 4.92 22.86 2.87
CA PHE A 217 4.36 21.90 3.81
C PHE A 217 4.05 22.60 5.13
N LEU A 218 5.02 23.35 5.71
CA LEU A 218 4.77 24.08 6.95
C LEU A 218 3.64 25.10 6.79
N LYS A 219 3.64 25.81 5.66
CA LYS A 219 2.67 26.84 5.36
C LYS A 219 1.23 26.35 5.23
N TYR A 220 1.01 25.19 4.57
CA TYR A 220 -0.35 24.74 4.30
C TYR A 220 -0.76 23.38 4.82
N ALA A 221 0.14 22.37 4.80
CA ALA A 221 -0.27 21.01 5.15
C ALA A 221 0.12 20.50 6.54
N TYR A 222 1.16 21.07 7.16
CA TYR A 222 1.66 20.62 8.46
C TYR A 222 0.67 20.80 9.61
N LYS A 223 0.32 19.68 10.25
CA LYS A 223 -0.65 19.62 11.35
C LYS A 223 -0.02 19.65 12.76
N GLY A 224 1.27 19.39 12.86
CA GLY A 224 1.96 19.36 14.15
C GLY A 224 2.29 20.74 14.70
N ASP A 225 3.13 20.81 15.76
CA ASP A 225 3.46 22.08 16.37
C ASP A 225 4.95 22.39 16.50
N ILE A 226 5.81 21.41 16.78
CA ILE A 226 7.23 21.67 17.02
C ILE A 226 8.04 22.18 15.81
N LEU A 227 7.62 21.89 14.56
CA LEU A 227 8.37 22.40 13.40
C LEU A 227 8.19 23.89 13.18
N LYS A 228 7.08 24.46 13.65
CA LYS A 228 6.81 25.89 13.55
C LYS A 228 7.50 26.69 14.68
N GLU A 229 8.08 26.02 15.70
CA GLU A 229 8.77 26.67 16.81
C GLU A 229 10.29 26.44 16.71
N VAL A 230 10.70 25.19 16.45
CA VAL A 230 12.11 24.82 16.35
C VAL A 230 12.63 25.03 14.94
N GLN A 231 13.75 25.74 14.80
CA GLN A 231 14.33 25.99 13.48
C GLN A 231 15.12 24.77 13.00
N HIS B 12 -16.55 -16.79 18.15
CA HIS B 12 -15.14 -16.43 18.12
C HIS B 12 -14.22 -17.61 18.32
N MET B 13 -13.49 -18.03 17.26
CA MET B 13 -12.47 -19.08 17.40
C MET B 13 -11.34 -18.51 18.28
N LYS B 14 -10.68 -19.36 19.07
CA LYS B 14 -9.60 -18.91 19.92
C LYS B 14 -8.58 -20.02 20.14
N ILE B 15 -7.30 -19.73 19.87
CA ILE B 15 -6.23 -20.70 20.05
C ILE B 15 -5.19 -20.14 21.02
N ASP B 16 -4.88 -20.90 22.07
CA ASP B 16 -3.89 -20.49 23.05
C ASP B 16 -2.51 -20.80 22.56
N ILE B 17 -1.64 -19.79 22.64
CA ILE B 17 -0.27 -19.92 22.17
C ILE B 17 0.68 -19.55 23.31
N LEU B 18 1.76 -20.31 23.46
CA LEU B 18 2.75 -20.08 24.50
C LEU B 18 2.11 -20.20 25.91
N ASP B 19 2.72 -19.64 26.94
CA ASP B 19 2.19 -19.72 28.29
C ASP B 19 0.93 -18.87 28.49
N LYS B 20 0.85 -17.67 27.90
CA LYS B 20 -0.29 -16.78 28.17
C LYS B 20 -0.90 -16.08 26.97
N GLY B 21 -0.37 -16.34 25.78
CA GLY B 21 -0.85 -15.66 24.58
C GLY B 21 -2.02 -16.34 23.92
N PHE B 22 -2.50 -15.74 22.81
CA PHE B 22 -3.61 -16.31 22.07
C PHE B 22 -3.79 -15.67 20.69
N VAL B 23 -4.59 -16.32 19.85
CA VAL B 23 -5.01 -15.86 18.53
C VAL B 23 -6.52 -16.10 18.51
N GLU B 24 -7.30 -15.03 18.54
CA GLU B 24 -8.75 -15.11 18.59
C GLU B 24 -9.35 -14.50 17.33
N LEU B 25 -10.33 -15.17 16.70
CA LEU B 25 -10.97 -14.63 15.51
C LEU B 25 -12.11 -13.70 15.94
N VAL B 26 -11.99 -12.40 15.63
CA VAL B 26 -12.98 -11.40 15.99
C VAL B 26 -14.10 -11.37 14.95
N ASP B 27 -13.73 -11.36 13.67
CA ASP B 27 -14.72 -11.30 12.60
C ASP B 27 -14.14 -11.78 11.25
N VAL B 28 -15.00 -12.09 10.28
CA VAL B 28 -14.58 -12.52 8.95
C VAL B 28 -15.61 -12.03 7.95
N MET B 29 -15.15 -11.56 6.80
CA MET B 29 -16.05 -11.14 5.74
C MET B 29 -15.84 -12.10 4.58
N GLY B 30 -16.88 -12.86 4.26
CA GLY B 30 -16.82 -13.78 3.14
C GLY B 30 -16.33 -15.18 3.44
N ASN B 31 -16.21 -15.97 2.39
CA ASN B 31 -15.75 -17.35 2.42
C ASN B 31 -15.10 -17.67 1.05
N ASP B 32 -14.88 -18.95 0.69
CA ASP B 32 -14.31 -19.30 -0.61
C ASP B 32 -15.08 -18.71 -1.77
N LEU B 33 -16.42 -18.64 -1.64
CA LEU B 33 -17.28 -18.11 -2.68
C LEU B 33 -17.09 -16.61 -2.92
N SER B 34 -16.55 -15.86 -1.94
CA SER B 34 -16.27 -14.45 -2.13
C SER B 34 -15.17 -14.24 -3.18
N ALA B 35 -14.19 -15.16 -3.23
CA ALA B 35 -13.13 -15.13 -4.23
C ALA B 35 -13.71 -15.52 -5.61
N VAL B 36 -14.62 -16.51 -5.64
CA VAL B 36 -15.31 -16.96 -6.86
C VAL B 36 -16.14 -15.80 -7.43
N ARG B 37 -16.92 -15.13 -6.57
CA ARG B 37 -17.76 -14.00 -6.92
C ARG B 37 -16.95 -12.83 -7.44
N ALA B 38 -15.80 -12.53 -6.81
CA ALA B 38 -14.94 -11.42 -7.24
C ALA B 38 -14.28 -11.74 -8.59
N ALA B 39 -13.84 -13.00 -8.81
CA ALA B 39 -13.21 -13.39 -10.07
C ALA B 39 -14.19 -13.30 -11.25
N ARG B 40 -15.41 -13.80 -11.07
CA ARG B 40 -16.43 -13.75 -12.13
C ARG B 40 -17.12 -12.38 -12.22
N VAL B 41 -17.05 -11.56 -11.13
CA VAL B 41 -17.77 -10.29 -10.95
C VAL B 41 -19.29 -10.60 -11.00
N SER B 42 -19.68 -11.61 -10.18
CA SER B 42 -21.03 -12.16 -10.13
C SER B 42 -21.51 -12.46 -8.69
N PHE B 43 -22.71 -13.08 -8.54
CA PHE B 43 -23.25 -13.39 -7.22
C PHE B 43 -23.46 -14.88 -7.01
N ASP B 44 -22.59 -15.73 -7.57
CA ASP B 44 -22.69 -17.18 -7.35
C ASP B 44 -21.91 -17.62 -6.11
N GLU B 50 -20.94 -26.37 -7.59
CA GLU B 50 -20.05 -26.54 -6.44
C GLU B 50 -18.69 -27.06 -6.90
N GLU B 51 -18.70 -28.11 -7.75
CA GLU B 51 -17.49 -28.69 -8.32
C GLU B 51 -16.80 -27.70 -9.27
N ARG B 52 -17.56 -26.81 -9.91
CA ARG B 52 -17.03 -25.80 -10.81
C ARG B 52 -16.37 -24.68 -10.00
N ASP B 53 -16.99 -24.28 -8.88
CA ASP B 53 -16.49 -23.22 -8.00
C ASP B 53 -15.19 -23.60 -7.32
N ARG B 54 -15.05 -24.86 -6.92
CA ARG B 54 -13.81 -25.34 -6.30
C ARG B 54 -12.71 -25.46 -7.35
N HIS B 55 -13.06 -25.82 -8.59
CA HIS B 55 -12.12 -25.90 -9.72
C HIS B 55 -11.59 -24.49 -10.05
N LEU B 56 -12.44 -23.45 -9.92
CA LEU B 56 -12.04 -22.07 -10.16
C LEU B 56 -11.05 -21.61 -9.10
N ILE B 57 -11.27 -21.96 -7.82
CA ILE B 57 -10.36 -21.60 -6.72
C ILE B 57 -8.96 -22.17 -7.00
N GLU B 58 -8.89 -23.45 -7.38
CA GLU B 58 -7.64 -24.15 -7.71
C GLU B 58 -6.98 -23.53 -8.93
N TYR B 59 -7.79 -23.18 -9.96
CA TYR B 59 -7.31 -22.53 -11.18
C TYR B 59 -6.65 -21.19 -10.83
N LEU B 60 -7.35 -20.33 -10.06
CA LEU B 60 -6.87 -19.00 -9.65
C LEU B 60 -5.51 -19.11 -8.93
N MET B 61 -5.39 -20.09 -8.03
CA MET B 61 -4.22 -20.37 -7.22
C MET B 61 -3.05 -20.87 -8.07
N LYS B 62 -3.30 -21.81 -9.00
CA LYS B 62 -2.22 -22.34 -9.83
C LYS B 62 -1.72 -21.36 -10.92
N HIS B 63 -2.56 -20.40 -11.35
CA HIS B 63 -2.12 -19.42 -12.34
C HIS B 63 -1.70 -18.07 -11.77
N GLY B 64 -1.70 -17.93 -10.46
CA GLY B 64 -1.28 -16.70 -9.82
C GLY B 64 -2.25 -15.54 -9.90
N HIS B 65 -3.54 -15.80 -10.18
CA HIS B 65 -4.52 -14.70 -10.17
C HIS B 65 -4.98 -14.62 -8.70
N GLU B 66 -4.22 -13.86 -7.90
CA GLU B 66 -4.42 -13.77 -6.46
C GLU B 66 -5.37 -12.68 -6.01
N THR B 67 -5.59 -11.65 -6.85
CA THR B 67 -6.46 -10.54 -6.48
C THR B 67 -7.87 -10.96 -6.00
N PRO B 68 -8.58 -11.99 -6.54
CA PRO B 68 -9.90 -12.33 -5.99
C PRO B 68 -9.88 -12.71 -4.52
N PHE B 69 -8.75 -13.27 -4.04
CA PHE B 69 -8.58 -13.63 -2.63
C PHE B 69 -8.48 -12.42 -1.69
N GLU B 70 -8.33 -11.21 -2.23
CA GLU B 70 -8.30 -10.00 -1.41
C GLU B 70 -9.68 -9.60 -0.89
N HIS B 71 -10.76 -10.20 -1.44
CA HIS B 71 -12.13 -9.89 -1.07
C HIS B 71 -12.64 -10.75 0.12
N ILE B 72 -11.76 -11.57 0.73
CA ILE B 72 -12.02 -12.35 1.93
C ILE B 72 -11.19 -11.63 2.98
N VAL B 73 -11.81 -11.09 4.03
CA VAL B 73 -11.08 -10.34 5.06
C VAL B 73 -11.28 -10.97 6.45
N PHE B 74 -10.26 -10.90 7.31
CA PHE B 74 -10.32 -11.46 8.64
C PHE B 74 -9.93 -10.39 9.66
N THR B 75 -10.48 -10.46 10.86
CA THR B 75 -10.05 -9.62 11.96
C THR B 75 -9.65 -10.55 13.09
N PHE B 76 -8.43 -10.41 13.60
CA PHE B 76 -7.94 -11.23 14.69
C PHE B 76 -7.60 -10.36 15.89
N HIS B 77 -7.68 -10.94 17.08
CA HIS B 77 -7.29 -10.31 18.33
C HIS B 77 -6.14 -11.18 18.79
N VAL B 78 -4.93 -10.61 18.82
CA VAL B 78 -3.72 -11.38 19.14
C VAL B 78 -3.01 -10.88 20.40
N LYS B 79 -2.67 -11.79 21.30
CA LYS B 79 -1.88 -11.46 22.48
C LYS B 79 -0.52 -12.15 22.29
N ALA B 80 0.57 -11.39 22.08
CA ALA B 80 1.88 -11.96 21.80
C ALA B 80 3.00 -11.16 22.43
N PRO B 81 4.14 -11.82 22.76
CA PRO B 81 5.29 -11.03 23.25
C PRO B 81 5.82 -10.08 22.14
N ILE B 82 6.38 -8.95 22.56
CA ILE B 82 6.86 -7.91 21.65
C ILE B 82 7.83 -8.44 20.59
N PHE B 83 8.68 -9.45 20.89
CA PHE B 83 9.59 -9.97 19.87
C PHE B 83 8.83 -10.63 18.71
N VAL B 84 7.68 -11.24 19.00
CA VAL B 84 6.85 -11.86 17.98
C VAL B 84 6.09 -10.77 17.20
N ALA B 85 5.50 -9.81 17.95
CA ALA B 85 4.74 -8.69 17.37
C ALA B 85 5.60 -7.84 16.44
N ARG B 86 6.88 -7.60 16.78
CA ARG B 86 7.75 -6.80 15.93
C ARG B 86 7.92 -7.40 14.55
N GLN B 87 8.04 -8.73 14.47
CA GLN B 87 8.16 -9.40 13.19
C GLN B 87 6.82 -9.40 12.45
N TRP B 88 5.71 -9.65 13.18
CA TRP B 88 4.35 -9.63 12.64
C TRP B 88 4.02 -8.29 12.00
N PHE B 89 4.30 -7.17 12.70
CA PHE B 89 4.00 -5.81 12.24
C PHE B 89 4.77 -5.40 10.99
N ARG B 90 5.79 -6.19 10.59
CA ARG B 90 6.53 -5.96 9.35
C ARG B 90 5.63 -6.19 8.12
N HIS B 91 4.52 -6.94 8.27
CA HIS B 91 3.60 -7.19 7.16
C HIS B 91 2.72 -5.94 6.99
N ARG B 92 3.12 -5.07 6.06
CA ARG B 92 2.53 -3.76 5.79
C ARG B 92 1.16 -3.81 5.16
N ILE B 93 0.89 -4.85 4.36
CA ILE B 93 -0.43 -4.94 3.71
C ILE B 93 -1.45 -5.57 4.66
N ALA B 94 -1.80 -4.81 5.71
CA ALA B 94 -2.70 -5.20 6.79
C ALA B 94 -3.02 -3.96 7.68
N SER B 95 -3.99 -4.10 8.60
CA SER B 95 -4.37 -3.06 9.53
C SER B 95 -4.05 -3.54 10.96
N TYR B 96 -3.55 -2.64 11.80
CA TYR B 96 -3.16 -2.96 13.15
C TYR B 96 -3.63 -1.90 14.12
N ASN B 97 -3.99 -2.32 15.32
CA ASN B 97 -4.27 -1.40 16.40
C ASN B 97 -3.91 -2.08 17.70
N GLU B 98 -2.79 -1.68 18.27
CA GLU B 98 -2.19 -2.24 19.45
C GLU B 98 -2.64 -1.50 20.70
N LEU B 99 -2.77 -2.24 21.81
CA LEU B 99 -3.21 -1.68 23.08
C LEU B 99 -2.11 -0.80 23.65
N SER B 100 -2.44 0.47 23.83
CA SER B 100 -1.51 1.49 24.31
C SER B 100 -1.85 2.00 25.72
N GLY B 101 -3.10 1.84 26.15
CA GLY B 101 -3.52 2.32 27.45
C GLY B 101 -4.24 3.66 27.42
N ARG B 102 -4.55 4.16 26.22
CA ARG B 102 -5.24 5.44 26.07
C ARG B 102 -6.75 5.26 26.15
N TYR B 103 -7.29 4.11 25.69
CA TYR B 103 -8.74 3.85 25.69
C TYR B 103 -9.17 2.63 26.49
N SER B 104 -8.21 1.85 27.02
CA SER B 104 -8.51 0.63 27.77
C SER B 104 -7.34 0.25 28.69
N LYS B 105 -7.59 -0.62 29.68
CA LYS B 105 -6.61 -1.04 30.68
C LYS B 105 -5.39 -1.78 30.11
N LEU B 106 -4.20 -1.34 30.53
CA LEU B 106 -2.91 -1.89 30.14
C LEU B 106 -2.52 -3.00 31.12
N SER B 107 -2.02 -4.14 30.64
CA SER B 107 -1.65 -5.26 31.51
C SER B 107 -0.18 -5.67 31.35
N TYR B 108 0.41 -6.31 32.37
CA TYR B 108 1.83 -6.70 32.28
C TYR B 108 2.12 -8.16 32.58
N GLU B 109 2.31 -8.95 31.51
CA GLU B 109 2.61 -10.38 31.60
C GLU B 109 3.80 -10.71 30.70
N PHE B 110 4.56 -11.77 30.99
CA PHE B 110 5.77 -12.07 30.21
C PHE B 110 5.84 -13.48 29.75
N TYR B 111 6.45 -13.71 28.58
CA TYR B 111 6.60 -15.06 28.06
C TYR B 111 7.82 -15.75 28.68
N ILE B 112 7.57 -16.76 29.51
CA ILE B 112 8.67 -17.53 30.09
C ILE B 112 8.73 -18.85 29.34
N PRO B 113 9.83 -19.08 28.61
CA PRO B 113 9.93 -20.34 27.85
C PRO B 113 9.99 -21.53 28.79
N SER B 114 9.29 -22.62 28.44
CA SER B 114 9.33 -23.82 29.26
C SER B 114 10.66 -24.57 29.01
N PRO B 115 11.13 -25.39 29.97
CA PRO B 115 12.39 -26.12 29.77
C PRO B 115 12.44 -26.94 28.48
N GLU B 116 11.27 -27.39 28.02
CA GLU B 116 11.15 -28.19 26.80
C GLU B 116 11.62 -27.42 25.56
N ARG B 117 11.51 -26.08 25.59
CA ARG B 117 11.97 -25.20 24.50
C ARG B 117 13.48 -25.34 24.26
N LEU B 118 14.23 -25.58 25.34
CA LEU B 118 15.69 -25.72 25.26
C LEU B 118 16.16 -27.13 24.96
N GLU B 119 15.30 -28.15 25.19
CA GLU B 119 15.61 -29.56 24.91
C GLU B 119 15.90 -29.70 23.42
N GLY B 120 17.10 -30.18 23.11
CA GLY B 120 17.59 -30.26 21.75
C GLY B 120 18.91 -29.53 21.59
N TYR B 121 19.17 -28.54 22.46
CA TYR B 121 20.39 -27.78 22.46
C TYR B 121 21.22 -28.27 23.64
N LYS B 122 22.49 -28.61 23.42
CA LYS B 122 23.34 -29.09 24.51
C LYS B 122 23.74 -27.86 25.33
N THR B 123 23.20 -27.73 26.54
CA THR B 123 23.50 -26.58 27.38
C THR B 123 24.32 -26.95 28.60
N THR B 124 25.14 -26.02 29.09
CA THR B 124 25.99 -26.25 30.26
C THR B 124 25.17 -26.23 31.57
N ILE B 125 24.05 -25.51 31.58
CA ILE B 125 23.15 -25.47 32.74
C ILE B 125 21.82 -26.14 32.36
N PRO B 126 21.12 -26.79 33.32
CA PRO B 126 19.85 -27.46 32.98
C PRO B 126 18.83 -26.52 32.35
N PRO B 127 17.95 -27.03 31.47
CA PRO B 127 16.94 -26.16 30.86
C PRO B 127 16.01 -25.46 31.86
N GLU B 128 15.75 -26.11 33.01
CA GLU B 128 14.95 -25.53 34.10
C GLU B 128 15.66 -24.31 34.71
N ARG B 129 17.00 -24.33 34.74
CA ARG B 129 17.80 -23.22 35.24
C ARG B 129 17.74 -22.03 34.26
N VAL B 130 17.65 -22.30 32.96
CA VAL B 130 17.51 -21.26 31.93
C VAL B 130 16.16 -20.55 32.10
N THR B 131 15.09 -21.35 32.32
CA THR B 131 13.74 -20.87 32.56
C THR B 131 13.72 -19.96 33.80
N GLU B 132 14.39 -20.40 34.87
CA GLU B 132 14.54 -19.68 36.14
C GLU B 132 15.29 -18.35 35.92
N LYS B 133 16.44 -18.40 35.21
CA LYS B 133 17.24 -17.20 34.93
C LYS B 133 16.44 -16.18 34.13
N ILE B 134 15.60 -16.65 33.19
CA ILE B 134 14.76 -15.77 32.38
C ILE B 134 13.67 -15.14 33.27
N SER B 135 12.98 -15.94 34.12
CA SER B 135 11.95 -15.41 35.03
C SER B 135 12.54 -14.36 35.95
N GLU B 136 13.74 -14.63 36.47
CA GLU B 136 14.44 -13.76 37.40
C GLU B 136 14.71 -12.37 36.81
N ILE B 137 15.33 -12.28 35.63
CA ILE B 137 15.67 -11.00 35.05
C ILE B 137 14.40 -10.22 34.66
N VAL B 138 13.33 -10.91 34.16
CA VAL B 138 12.10 -10.20 33.81
C VAL B 138 11.38 -9.70 35.07
N ASP B 139 11.47 -10.44 36.20
CA ASP B 139 10.90 -10.02 37.46
C ASP B 139 11.61 -8.74 37.94
N LYS B 140 12.96 -8.71 37.83
CA LYS B 140 13.77 -7.57 38.21
C LYS B 140 13.43 -6.35 37.34
N ALA B 141 13.35 -6.54 36.01
CA ALA B 141 13.03 -5.44 35.10
C ALA B 141 11.63 -4.91 35.37
N TYR B 142 10.66 -5.80 35.61
CA TYR B 142 9.29 -5.39 35.90
C TYR B 142 9.22 -4.63 37.23
N ARG B 143 9.95 -5.10 38.25
CA ARG B 143 9.98 -4.44 39.55
C ARG B 143 10.60 -3.04 39.41
N THR B 144 11.67 -2.91 38.61
CA THR B 144 12.31 -1.64 38.34
C THR B 144 11.33 -0.68 37.67
N TYR B 145 10.53 -1.20 36.73
CA TYR B 145 9.50 -0.43 36.02
C TYR B 145 8.49 0.14 37.04
N LEU B 146 7.96 -0.72 37.91
CA LEU B 146 7.01 -0.31 38.94
C LEU B 146 7.60 0.73 39.90
N GLU B 147 8.87 0.57 40.28
CA GLU B 147 9.55 1.53 41.14
C GLU B 147 9.61 2.91 40.47
N LEU B 148 9.96 2.94 39.18
CA LEU B 148 10.03 4.19 38.44
C LEU B 148 8.66 4.84 38.29
N ILE B 149 7.62 4.02 38.03
CA ILE B 149 6.24 4.49 37.92
C ILE B 149 5.80 5.12 39.26
N GLU B 150 6.02 4.41 40.37
CA GLU B 150 5.70 4.87 41.73
C GLU B 150 6.43 6.18 42.07
N SER B 151 7.63 6.37 41.52
CA SER B 151 8.40 7.57 41.78
C SER B 151 8.01 8.78 40.91
N GLY B 152 7.01 8.64 40.04
CA GLY B 152 6.55 9.74 39.21
C GLY B 152 7.15 9.84 37.82
N VAL B 153 7.88 8.81 37.38
CA VAL B 153 8.47 8.79 36.04
C VAL B 153 7.38 8.42 35.06
N PRO B 154 7.20 9.19 33.96
CA PRO B 154 6.14 8.83 33.00
C PRO B 154 6.31 7.42 32.43
N ARG B 155 5.18 6.72 32.19
CA ARG B 155 5.15 5.35 31.68
C ARG B 155 5.98 5.17 30.43
N GLU B 156 5.90 6.15 29.50
CA GLU B 156 6.64 6.11 28.24
C GLU B 156 8.16 6.06 28.41
N VAL B 157 8.66 6.52 29.56
CA VAL B 157 10.09 6.47 29.88
C VAL B 157 10.39 5.20 30.69
N ALA B 158 9.64 4.96 31.78
CA ALA B 158 9.86 3.79 32.64
C ALA B 158 9.79 2.44 31.90
N ARG B 159 8.89 2.33 30.88
CA ARG B 159 8.69 1.09 30.14
C ARG B 159 9.88 0.65 29.30
N ILE B 160 10.82 1.57 29.00
CA ILE B 160 11.96 1.24 28.13
C ILE B 160 12.88 0.15 28.70
N VAL B 161 12.79 -0.14 30.01
CA VAL B 161 13.58 -1.18 30.63
C VAL B 161 12.91 -2.56 30.56
N LEU B 162 11.62 -2.64 30.15
CA LEU B 162 10.89 -3.90 30.06
C LEU B 162 11.47 -4.80 28.96
N PRO B 163 11.54 -6.12 29.19
CA PRO B 163 12.14 -7.02 28.19
C PRO B 163 11.28 -7.32 26.97
N LEU B 164 11.91 -7.89 25.93
CA LEU B 164 11.23 -8.20 24.67
C LEU B 164 10.16 -9.30 24.79
N ASN B 165 10.15 -10.05 25.91
CA ASN B 165 9.12 -11.07 26.10
C ASN B 165 7.83 -10.52 26.76
N LEU B 166 7.72 -9.19 26.96
CA LEU B 166 6.52 -8.57 27.50
C LEU B 166 5.40 -8.75 26.47
N TYR B 167 4.26 -9.30 26.93
CA TYR B 167 3.08 -9.50 26.09
C TYR B 167 2.40 -8.19 25.70
N THR B 168 1.94 -8.11 24.46
CA THR B 168 1.17 -7.00 23.97
C THR B 168 -0.10 -7.55 23.30
N ARG B 169 -1.12 -6.69 23.11
CA ARG B 169 -2.33 -7.10 22.42
C ARG B 169 -2.63 -6.19 21.26
N PHE B 170 -3.11 -6.76 20.16
CA PHE B 170 -3.42 -5.98 18.98
C PHE B 170 -4.54 -6.61 18.17
N PHE B 171 -5.22 -5.78 17.36
CA PHE B 171 -6.23 -6.24 16.41
C PHE B 171 -5.55 -6.26 15.05
N TRP B 172 -5.75 -7.31 14.28
CA TRP B 172 -5.12 -7.46 12.98
C TRP B 172 -6.19 -7.68 11.94
N THR B 173 -6.39 -6.74 11.01
CA THR B 173 -7.36 -6.90 9.94
C THR B 173 -6.56 -7.14 8.66
N VAL B 174 -6.71 -8.33 8.07
CA VAL B 174 -5.91 -8.71 6.91
C VAL B 174 -6.74 -9.52 5.90
N ASN B 175 -6.48 -9.37 4.59
CA ASN B 175 -7.20 -10.14 3.58
C ASN B 175 -6.51 -11.52 3.34
N ALA B 176 -7.21 -12.46 2.69
CA ALA B 176 -6.65 -13.79 2.46
C ALA B 176 -5.36 -13.82 1.63
N ARG B 177 -5.17 -12.88 0.67
CA ARG B 177 -3.94 -12.84 -0.10
C ARG B 177 -2.73 -12.46 0.77
N SER B 178 -2.87 -11.41 1.58
CA SER B 178 -1.81 -10.98 2.48
C SER B 178 -1.56 -12.00 3.60
N LEU B 179 -2.63 -12.66 4.06
CA LEU B 179 -2.54 -13.71 5.05
C LEU B 179 -1.74 -14.90 4.49
N MET B 180 -1.90 -15.20 3.20
CA MET B 180 -1.16 -16.30 2.56
C MET B 180 0.33 -15.96 2.43
N ASN B 181 0.67 -14.68 2.21
CA ASN B 181 2.06 -14.23 2.18
C ASN B 181 2.68 -14.39 3.58
N PHE B 182 1.90 -14.06 4.62
CA PHE B 182 2.31 -14.19 6.02
C PHE B 182 2.59 -15.66 6.33
N LEU B 183 1.72 -16.57 5.88
CA LEU B 183 1.92 -18.00 6.13
C LEU B 183 3.16 -18.57 5.43
N ASN B 184 3.45 -18.07 4.24
CA ASN B 184 4.61 -18.52 3.48
C ASN B 184 5.90 -18.24 4.21
N LEU B 185 5.97 -17.11 4.91
CA LEU B 185 7.15 -16.70 5.63
C LEU B 185 7.21 -17.20 7.09
N ARG B 186 6.07 -17.11 7.82
CA ARG B 186 6.05 -17.43 9.24
C ARG B 186 5.71 -18.88 9.57
N ALA B 187 4.87 -19.54 8.74
CA ALA B 187 4.58 -20.96 8.96
C ALA B 187 5.66 -21.77 8.23
N ASP B 188 6.88 -21.70 8.73
CA ASP B 188 8.03 -22.35 8.14
C ASP B 188 9.10 -22.59 9.23
N SER B 189 9.81 -23.72 9.17
CA SER B 189 10.84 -24.09 10.15
C SER B 189 12.01 -23.11 10.26
N HIS B 190 12.26 -22.28 9.23
CA HIS B 190 13.31 -21.27 9.32
C HIS B 190 12.91 -20.06 10.18
N ALA B 191 11.60 -19.88 10.44
CA ALA B 191 11.13 -18.81 11.31
C ALA B 191 11.34 -19.26 12.78
N GLN B 192 11.40 -18.30 13.72
CA GLN B 192 11.56 -18.64 15.13
C GLN B 192 10.38 -19.51 15.62
N TRP B 193 10.65 -20.53 16.45
CA TRP B 193 9.62 -21.44 16.96
C TRP B 193 8.38 -20.73 17.52
N GLU B 194 8.58 -19.67 18.31
CA GLU B 194 7.49 -18.91 18.89
C GLU B 194 6.60 -18.30 17.79
N ILE B 195 7.20 -17.81 16.69
CA ILE B 195 6.49 -17.26 15.54
C ILE B 195 5.73 -18.36 14.80
N GLN B 196 6.35 -19.55 14.66
CA GLN B 196 5.72 -20.71 13.99
C GLN B 196 4.41 -21.08 14.66
N GLN B 197 4.36 -20.98 16.00
CA GLN B 197 3.17 -21.34 16.78
C GLN B 197 2.04 -20.37 16.50
N TYR B 198 2.35 -19.07 16.34
CA TYR B 198 1.33 -18.08 16.04
C TYR B 198 0.83 -18.23 14.61
N ALA B 199 1.75 -18.54 13.67
CA ALA B 199 1.36 -18.76 12.29
C ALA B 199 0.54 -20.04 12.12
N LEU B 200 0.76 -21.06 12.95
CA LEU B 200 -0.05 -22.28 12.88
C LEU B 200 -1.49 -21.97 13.29
N ALA B 201 -1.68 -21.11 14.31
CA ALA B 201 -3.02 -20.69 14.76
C ALA B 201 -3.75 -19.89 13.68
N ILE B 202 -3.03 -19.00 12.97
CA ILE B 202 -3.60 -18.22 11.88
C ILE B 202 -4.04 -19.14 10.75
N ALA B 203 -3.20 -20.14 10.41
CA ALA B 203 -3.50 -21.11 9.37
C ALA B 203 -4.69 -21.99 9.73
N ARG B 204 -4.81 -22.34 11.01
CA ARG B 204 -5.90 -23.16 11.50
C ARG B 204 -7.23 -22.43 11.34
N ILE B 205 -7.28 -21.14 11.70
CA ILE B 205 -8.50 -20.36 11.57
C ILE B 205 -8.84 -20.13 10.09
N PHE B 206 -7.82 -19.87 9.27
CA PHE B 206 -7.97 -19.67 7.84
C PHE B 206 -8.56 -20.92 7.19
N LYS B 207 -8.03 -22.11 7.50
CA LYS B 207 -8.51 -23.40 6.98
C LYS B 207 -9.99 -23.61 7.32
N GLU B 208 -10.38 -23.26 8.55
CA GLU B 208 -11.73 -23.41 9.02
C GLU B 208 -12.72 -22.54 8.24
N LYS B 209 -12.33 -21.30 7.92
CA LYS B 209 -13.24 -20.39 7.22
C LYS B 209 -13.18 -20.47 5.69
N CYS B 210 -12.01 -20.85 5.17
CA CYS B 210 -11.82 -20.97 3.72
C CYS B 210 -11.18 -22.30 3.39
N PRO B 211 -11.89 -23.42 3.56
CA PRO B 211 -11.27 -24.73 3.28
C PRO B 211 -10.74 -24.91 1.87
N TRP B 212 -11.49 -24.50 0.84
CA TRP B 212 -11.06 -24.64 -0.54
C TRP B 212 -9.83 -23.78 -0.84
N THR B 213 -9.84 -22.51 -0.41
CA THR B 213 -8.70 -21.61 -0.62
C THR B 213 -7.46 -22.14 0.08
N PHE B 214 -7.62 -22.63 1.32
CA PHE B 214 -6.49 -23.17 2.09
C PHE B 214 -5.92 -24.42 1.44
N GLU B 215 -6.79 -25.33 0.98
CA GLU B 215 -6.35 -26.56 0.34
C GLU B 215 -5.61 -26.23 -0.95
N ALA B 216 -6.12 -25.25 -1.75
CA ALA B 216 -5.47 -24.85 -2.99
C ALA B 216 -4.13 -24.17 -2.72
N PHE B 217 -4.06 -23.37 -1.64
CA PHE B 217 -2.84 -22.67 -1.23
C PHE B 217 -1.77 -23.72 -0.90
N LEU B 218 -2.15 -24.74 -0.11
CA LEU B 218 -1.27 -25.83 0.27
C LEU B 218 -0.77 -26.64 -0.93
N LYS B 219 -1.63 -26.85 -1.90
CA LYS B 219 -1.39 -27.62 -3.10
C LYS B 219 -0.49 -26.92 -4.10
N TYR B 220 -0.66 -25.59 -4.32
CA TYR B 220 0.10 -24.92 -5.37
C TYR B 220 0.95 -23.73 -4.96
N ALA B 221 0.52 -22.88 -4.01
CA ALA B 221 1.24 -21.66 -3.71
C ALA B 221 2.14 -21.65 -2.47
N TYR B 222 1.84 -22.51 -1.48
CA TYR B 222 2.57 -22.57 -0.22
C TYR B 222 4.03 -22.97 -0.36
N LYS B 223 4.94 -22.08 0.09
CA LYS B 223 6.39 -22.25 -0.01
C LYS B 223 7.06 -22.82 1.26
N GLY B 224 6.37 -22.75 2.40
CA GLY B 224 6.92 -23.23 3.66
C GLY B 224 6.89 -24.74 3.80
N ASP B 225 7.15 -25.24 5.03
CA ASP B 225 7.19 -26.69 5.25
C ASP B 225 6.29 -27.23 6.37
N ILE B 226 6.12 -26.50 7.48
CA ILE B 226 5.36 -27.01 8.62
C ILE B 226 3.85 -27.21 8.38
N LEU B 227 3.21 -26.50 7.43
CA LEU B 227 1.79 -26.71 7.19
C LEU B 227 1.49 -28.02 6.45
N LYS B 228 2.46 -28.54 5.70
CA LYS B 228 2.30 -29.80 4.96
C LYS B 228 2.57 -31.00 5.87
N HIS C 12 20.46 9.57 -21.20
CA HIS C 12 19.04 9.81 -21.42
C HIS C 12 18.45 8.60 -22.16
N MET C 13 17.45 7.86 -21.57
CA MET C 13 16.95 6.71 -22.31
C MET C 13 15.50 6.84 -22.69
N LYS C 14 15.20 6.88 -24.00
CA LYS C 14 13.82 6.97 -24.46
C LYS C 14 13.59 5.93 -25.56
N ILE C 15 12.75 4.93 -25.29
CA ILE C 15 12.44 3.90 -26.28
C ILE C 15 11.04 4.13 -26.85
N ASP C 16 10.92 4.24 -28.18
CA ASP C 16 9.62 4.38 -28.82
C ASP C 16 8.88 3.04 -28.77
N ILE C 17 7.54 3.08 -28.57
CA ILE C 17 6.64 1.91 -28.48
C ILE C 17 5.38 2.17 -29.33
N LEU C 18 4.84 1.11 -29.98
CA LEU C 18 3.62 1.24 -30.80
C LEU C 18 3.83 2.32 -31.91
N ASP C 19 2.80 3.08 -32.30
CA ASP C 19 2.93 4.11 -33.31
C ASP C 19 3.28 5.49 -32.73
N LYS C 20 2.86 5.82 -31.50
CA LYS C 20 3.19 7.15 -30.92
C LYS C 20 3.64 7.12 -29.45
N GLY C 21 3.81 5.93 -28.90
CA GLY C 21 4.18 5.80 -27.50
C GLY C 21 5.66 5.86 -27.27
N PHE C 22 6.03 5.86 -26.01
CA PHE C 22 7.42 5.84 -25.56
C PHE C 22 7.48 5.53 -24.07
N VAL C 23 8.66 5.13 -23.63
CA VAL C 23 9.02 4.83 -22.26
C VAL C 23 10.33 5.55 -22.11
N GLU C 24 10.32 6.59 -21.29
CA GLU C 24 11.47 7.42 -21.10
C GLU C 24 11.90 7.37 -19.64
N LEU C 25 13.20 7.23 -19.36
CA LEU C 25 13.68 7.21 -17.99
C LEU C 25 13.90 8.65 -17.55
N VAL C 26 13.17 9.08 -16.54
CA VAL C 26 13.28 10.43 -16.00
C VAL C 26 14.37 10.47 -14.92
N ASP C 27 14.38 9.48 -14.02
CA ASP C 27 15.35 9.46 -12.93
C ASP C 27 15.48 8.06 -12.31
N VAL C 28 16.57 7.81 -11.59
CA VAL C 28 16.79 6.54 -10.89
C VAL C 28 17.52 6.85 -9.57
N MET C 29 17.17 6.15 -8.50
CA MET C 29 17.87 6.27 -7.23
C MET C 29 18.50 4.93 -6.95
N GLY C 30 19.82 4.90 -6.94
CA GLY C 30 20.57 3.70 -6.62
C GLY C 30 20.91 2.80 -7.78
N ASN C 31 21.49 1.66 -7.44
CA ASN C 31 21.91 0.61 -8.39
C ASN C 31 21.87 -0.75 -7.64
N ASP C 32 22.50 -1.82 -8.16
CA ASP C 32 22.52 -3.12 -7.46
C ASP C 32 23.05 -3.01 -6.02
N LEU C 33 24.05 -2.13 -5.82
CA LEU C 33 24.63 -1.95 -4.50
C LEU C 33 23.68 -1.34 -3.50
N SER C 34 22.62 -0.64 -3.94
CA SER C 34 21.62 -0.11 -3.01
C SER C 34 20.87 -1.23 -2.30
N ALA C 35 20.62 -2.34 -3.01
CA ALA C 35 19.99 -3.51 -2.42
C ALA C 35 20.95 -4.20 -1.45
N VAL C 36 22.24 -4.27 -1.80
CA VAL C 36 23.27 -4.88 -0.96
C VAL C 36 23.41 -4.07 0.35
N ARG C 37 23.49 -2.73 0.21
CA ARG C 37 23.59 -1.81 1.34
C ARG C 37 22.38 -1.90 2.25
N ALA C 38 21.17 -2.03 1.70
CA ALA C 38 19.94 -2.14 2.48
C ALA C 38 19.87 -3.48 3.20
N ALA C 39 20.32 -4.58 2.56
CA ALA C 39 20.30 -5.90 3.18
C ALA C 39 21.27 -5.97 4.37
N ARG C 40 22.49 -5.46 4.21
CA ARG C 40 23.49 -5.46 5.28
C ARG C 40 23.26 -4.34 6.30
N VAL C 41 22.52 -3.28 5.92
CA VAL C 41 22.24 -2.08 6.72
C VAL C 41 23.54 -1.36 7.00
N SER C 42 24.27 -1.02 5.94
CA SER C 42 25.55 -0.32 6.09
C SER C 42 25.76 0.63 4.92
N PHE C 43 26.24 1.83 5.22
CA PHE C 43 26.50 2.83 4.19
C PHE C 43 27.90 2.60 3.56
N ASP C 44 28.98 2.66 4.36
CA ASP C 44 30.37 2.45 3.91
C ASP C 44 30.76 3.30 2.68
N LYS C 48 31.84 -2.09 -3.37
CA LYS C 48 32.48 -2.82 -2.28
C LYS C 48 33.24 -4.08 -2.79
N ASP C 49 32.59 -5.25 -2.96
CA ASP C 49 33.26 -6.45 -3.45
C ASP C 49 32.34 -7.18 -4.42
N GLU C 50 32.55 -6.98 -5.72
CA GLU C 50 31.74 -7.50 -6.81
C GLU C 50 31.32 -8.97 -6.64
N GLU C 51 32.28 -9.88 -6.42
CA GLU C 51 31.96 -11.30 -6.31
C GLU C 51 31.09 -11.61 -5.11
N ARG C 52 31.33 -10.93 -3.99
CA ARG C 52 30.55 -11.16 -2.77
C ARG C 52 29.17 -10.48 -2.85
N ASP C 53 29.11 -9.23 -3.29
CA ASP C 53 27.87 -8.47 -3.40
C ASP C 53 26.95 -9.05 -4.48
N ARG C 54 27.52 -9.54 -5.59
CA ARG C 54 26.72 -10.19 -6.63
C ARG C 54 26.15 -11.51 -6.11
N HIS C 55 26.90 -12.23 -5.27
CA HIS C 55 26.46 -13.47 -4.62
C HIS C 55 25.33 -13.17 -3.64
N LEU C 56 25.38 -12.01 -2.96
CA LEU C 56 24.33 -11.57 -2.04
C LEU C 56 23.04 -11.27 -2.79
N ILE C 57 23.13 -10.58 -3.96
CA ILE C 57 21.99 -10.26 -4.80
C ILE C 57 21.24 -11.55 -5.20
N GLU C 58 22.00 -12.55 -5.67
CA GLU C 58 21.47 -13.84 -6.08
C GLU C 58 20.86 -14.59 -4.89
N TYR C 59 21.54 -14.51 -3.73
CA TYR C 59 21.05 -15.15 -2.51
C TYR C 59 19.70 -14.58 -2.11
N LEU C 60 19.58 -13.23 -2.08
CA LEU C 60 18.36 -12.53 -1.72
C LEU C 60 17.18 -12.96 -2.62
N MET C 61 17.44 -13.05 -3.92
CA MET C 61 16.44 -13.41 -4.92
C MET C 61 16.01 -14.87 -4.75
N LYS C 62 16.97 -15.80 -4.61
CA LYS C 62 16.76 -17.23 -4.45
C LYS C 62 15.95 -17.57 -3.20
N HIS C 63 16.19 -16.86 -2.09
CA HIS C 63 15.47 -17.14 -0.84
C HIS C 63 14.26 -16.28 -0.57
N GLY C 64 13.86 -15.46 -1.52
CA GLY C 64 12.68 -14.62 -1.36
C GLY C 64 12.81 -13.42 -0.46
N HIS C 65 14.05 -12.99 -0.11
CA HIS C 65 14.21 -11.76 0.65
C HIS C 65 14.22 -10.62 -0.37
N GLU C 66 13.03 -10.14 -0.72
CA GLU C 66 12.84 -9.13 -1.76
C GLU C 66 12.85 -7.70 -1.28
N THR C 67 12.62 -7.48 0.02
CA THR C 67 12.54 -6.12 0.57
C THR C 67 13.80 -5.26 0.28
N PRO C 68 15.07 -5.76 0.24
CA PRO C 68 16.19 -4.85 -0.08
C PRO C 68 16.07 -4.21 -1.47
N PHE C 69 15.40 -4.90 -2.41
CA PHE C 69 15.20 -4.37 -3.75
C PHE C 69 14.23 -3.19 -3.80
N GLU C 70 13.51 -2.91 -2.70
CA GLU C 70 12.61 -1.77 -2.64
C GLU C 70 13.37 -0.42 -2.51
N HIS C 71 14.68 -0.46 -2.21
CA HIS C 71 15.52 0.72 -2.03
C HIS C 71 16.18 1.21 -3.33
N ILE C 72 15.82 0.61 -4.49
CA ILE C 72 16.20 1.04 -5.83
C ILE C 72 14.91 1.58 -6.39
N VAL C 73 14.86 2.86 -6.78
CA VAL C 73 13.63 3.47 -7.28
C VAL C 73 13.84 4.04 -8.70
N PHE C 74 12.82 3.98 -9.54
CA PHE C 74 12.87 4.51 -10.90
C PHE C 74 11.72 5.48 -11.13
N THR C 75 11.92 6.45 -12.00
CA THR C 75 10.85 7.33 -12.44
C THR C 75 10.83 7.24 -13.96
N PHE C 76 9.67 6.91 -14.52
CA PHE C 76 9.50 6.81 -15.96
C PHE C 76 8.46 7.80 -16.44
N HIS C 77 8.55 8.19 -17.72
CA HIS C 77 7.57 9.04 -18.37
C HIS C 77 7.06 8.19 -19.53
N VAL C 78 5.81 7.75 -19.42
CA VAL C 78 5.24 6.84 -20.40
C VAL C 78 4.10 7.52 -21.15
N LYS C 79 4.08 7.35 -22.46
CA LYS C 79 3.01 7.79 -23.34
C LYS C 79 2.39 6.49 -23.83
N ALA C 80 1.12 6.25 -23.52
CA ALA C 80 0.49 4.98 -23.88
C ALA C 80 -1.00 5.14 -24.13
N PRO C 81 -1.63 4.27 -24.94
CA PRO C 81 -3.09 4.39 -25.10
C PRO C 81 -3.82 4.05 -23.80
N ILE C 82 -5.03 4.60 -23.62
CA ILE C 82 -5.81 4.39 -22.40
C ILE C 82 -6.04 2.90 -22.08
N PHE C 83 -6.21 2.04 -23.10
CA PHE C 83 -6.41 0.62 -22.80
C PHE C 83 -5.14 -0.02 -22.18
N VAL C 84 -3.95 0.48 -22.55
CA VAL C 84 -2.70 -0.01 -21.99
C VAL C 84 -2.52 0.59 -20.58
N ALA C 85 -2.78 1.91 -20.44
CA ALA C 85 -2.67 2.62 -19.15
C ALA C 85 -3.62 2.04 -18.10
N ARG C 86 -4.84 1.65 -18.47
CA ARG C 86 -5.78 1.07 -17.51
C ARG C 86 -5.24 -0.20 -16.88
N GLN C 87 -4.55 -1.05 -17.66
CA GLN C 87 -3.96 -2.25 -17.11
C GLN C 87 -2.75 -1.92 -16.25
N TRP C 88 -1.92 -0.97 -16.71
CA TRP C 88 -0.72 -0.52 -16.01
C TRP C 88 -1.07 0.02 -14.64
N PHE C 89 -2.06 0.92 -14.57
CA PHE C 89 -2.49 1.57 -13.33
C PHE C 89 -3.07 0.60 -12.29
N ARG C 90 -3.34 -0.65 -12.67
CA ARG C 90 -3.77 -1.69 -11.75
C ARG C 90 -2.66 -2.06 -10.76
N HIS C 91 -1.38 -1.74 -11.07
CA HIS C 91 -0.27 -1.98 -10.18
C HIS C 91 -0.26 -0.87 -9.12
N ARG C 92 -0.87 -1.16 -7.97
CA ARG C 92 -1.09 -0.23 -6.87
C ARG C 92 0.15 0.17 -6.12
N ILE C 93 1.15 -0.72 -6.07
CA ILE C 93 2.38 -0.43 -5.32
C ILE C 93 3.34 0.38 -6.21
N ALA C 94 2.96 1.63 -6.48
CA ALA C 94 3.67 2.56 -7.35
C ALA C 94 3.00 3.96 -7.25
N SER C 95 3.66 4.99 -7.82
CA SER C 95 3.17 6.35 -7.85
C SER C 95 2.86 6.73 -9.30
N TYR C 96 1.75 7.45 -9.51
CA TYR C 96 1.33 7.82 -10.85
C TYR C 96 0.88 9.26 -10.86
N ASN C 97 1.16 9.96 -11.95
CA ASN C 97 0.63 11.27 -12.17
C ASN C 97 0.45 11.46 -13.67
N GLU C 98 -0.79 11.39 -14.08
CA GLU C 98 -1.23 11.44 -15.46
C GLU C 98 -1.55 12.87 -15.90
N LEU C 99 -1.29 13.18 -17.18
CA LEU C 99 -1.56 14.47 -17.74
C LEU C 99 -3.06 14.66 -17.88
N SER C 100 -3.58 15.68 -17.19
CA SER C 100 -5.00 15.98 -17.19
C SER C 100 -5.34 17.29 -17.88
N GLY C 101 -4.35 18.18 -18.04
CA GLY C 101 -4.59 19.49 -18.64
C GLY C 101 -4.75 20.61 -17.62
N ARG C 102 -4.50 20.33 -16.33
CA ARG C 102 -4.60 21.34 -15.29
C ARG C 102 -3.30 22.13 -15.14
N TYR C 103 -2.14 21.50 -15.41
CA TYR C 103 -0.83 22.15 -15.27
C TYR C 103 -0.01 22.21 -16.57
N SER C 104 -0.48 21.58 -17.65
CA SER C 104 0.24 21.52 -18.92
C SER C 104 -0.72 21.21 -20.09
N LYS C 105 -0.27 21.44 -21.33
CA LYS C 105 -1.07 21.25 -22.54
C LYS C 105 -1.48 19.79 -22.81
N LEU C 106 -2.77 19.61 -23.10
CA LEU C 106 -3.38 18.31 -23.42
C LEU C 106 -3.30 18.09 -24.95
N SER C 107 -2.96 16.87 -25.40
CA SER C 107 -2.82 16.57 -26.83
C SER C 107 -3.73 15.40 -27.26
N TYR C 108 -4.06 15.30 -28.56
CA TYR C 108 -4.97 14.23 -29.02
C TYR C 108 -4.43 13.34 -30.13
N GLU C 109 -3.91 12.18 -29.76
CA GLU C 109 -3.37 11.19 -30.69
C GLU C 109 -3.93 9.81 -30.37
N PHE C 110 -4.00 8.93 -31.37
CA PHE C 110 -4.59 7.60 -31.18
C PHE C 110 -3.67 6.51 -31.65
N TYR C 111 -3.84 5.31 -31.12
CA TYR C 111 -3.07 4.14 -31.54
C TYR C 111 -3.81 3.40 -32.65
N ILE C 112 -3.27 3.43 -33.87
CA ILE C 112 -3.86 2.68 -34.96
C ILE C 112 -3.01 1.45 -35.17
N PRO C 113 -3.55 0.26 -34.94
CA PRO C 113 -2.76 -0.95 -35.11
C PRO C 113 -2.36 -1.14 -36.56
N SER C 114 -1.11 -1.54 -36.80
CA SER C 114 -0.65 -1.79 -38.16
C SER C 114 -1.22 -3.14 -38.65
N PRO C 115 -1.36 -3.35 -39.97
CA PRO C 115 -1.91 -4.63 -40.45
C PRO C 115 -1.12 -5.89 -40.02
N GLU C 116 0.13 -5.70 -39.60
CA GLU C 116 0.96 -6.79 -39.11
C GLU C 116 0.44 -7.33 -37.76
N ARG C 117 -0.22 -6.46 -36.95
CA ARG C 117 -0.83 -6.82 -35.67
C ARG C 117 -1.92 -7.89 -35.85
N LEU C 118 -2.65 -7.84 -36.96
CA LEU C 118 -3.73 -8.77 -37.24
C LEU C 118 -3.29 -10.04 -37.95
N GLU C 119 -2.12 -10.01 -38.63
CA GLU C 119 -1.57 -11.17 -39.32
C GLU C 119 -1.34 -12.28 -38.29
N GLY C 120 -1.99 -13.41 -38.51
CA GLY C 120 -1.99 -14.51 -37.55
C GLY C 120 -3.39 -14.91 -37.15
N TYR C 121 -4.35 -13.99 -37.29
CA TYR C 121 -5.75 -14.25 -37.01
C TYR C 121 -6.45 -14.39 -38.35
N LYS C 122 -7.29 -15.42 -38.50
CA LYS C 122 -8.04 -15.63 -39.72
C LYS C 122 -9.15 -14.60 -39.78
N THR C 123 -9.02 -13.62 -40.67
CA THR C 123 -10.04 -12.58 -40.80
C THR C 123 -10.74 -12.63 -42.15
N THR C 124 -12.02 -12.26 -42.18
CA THR C 124 -12.80 -12.24 -43.41
C THR C 124 -12.43 -11.04 -44.32
N ILE C 125 -11.93 -9.96 -43.73
CA ILE C 125 -11.49 -8.79 -44.48
C ILE C 125 -9.97 -8.64 -44.32
N PRO C 126 -9.27 -8.11 -45.34
CA PRO C 126 -7.81 -7.97 -45.23
C PRO C 126 -7.35 -7.19 -44.00
N PRO C 127 -6.17 -7.53 -43.45
CA PRO C 127 -5.68 -6.81 -42.26
C PRO C 127 -5.62 -5.29 -42.45
N GLU C 128 -5.25 -4.86 -43.65
CA GLU C 128 -5.18 -3.45 -44.07
C GLU C 128 -6.54 -2.77 -43.90
N ARG C 129 -7.61 -3.47 -44.28
CA ARG C 129 -8.98 -2.99 -44.19
C ARG C 129 -9.40 -2.77 -42.73
N VAL C 130 -8.90 -3.62 -41.81
CA VAL C 130 -9.15 -3.50 -40.38
C VAL C 130 -8.52 -2.21 -39.87
N THR C 131 -7.26 -1.95 -40.29
CA THR C 131 -6.51 -0.74 -39.95
C THR C 131 -7.29 0.50 -40.41
N GLU C 132 -7.80 0.44 -41.65
CA GLU C 132 -8.58 1.50 -42.27
C GLU C 132 -9.87 1.77 -41.48
N LYS C 133 -10.62 0.70 -41.15
CA LYS C 133 -11.87 0.82 -40.39
C LYS C 133 -11.64 1.42 -39.02
N ILE C 134 -10.52 1.04 -38.37
CA ILE C 134 -10.17 1.57 -37.04
C ILE C 134 -9.82 3.06 -37.16
N SER C 135 -8.99 3.40 -38.14
CA SER C 135 -8.57 4.77 -38.40
C SER C 135 -9.79 5.68 -38.64
N GLU C 136 -10.74 5.19 -39.42
CA GLU C 136 -11.96 5.88 -39.78
C GLU C 136 -12.85 6.20 -38.58
N ILE C 137 -13.17 5.21 -37.74
CA ILE C 137 -14.04 5.46 -36.59
C ILE C 137 -13.37 6.40 -35.57
N VAL C 138 -12.02 6.33 -35.39
CA VAL C 138 -11.37 7.26 -34.45
C VAL C 138 -11.37 8.68 -35.00
N ASP C 139 -11.28 8.85 -36.33
CA ASP C 139 -11.34 10.15 -36.96
C ASP C 139 -12.73 10.74 -36.74
N LYS C 140 -13.79 9.93 -36.93
CA LYS C 140 -15.17 10.34 -36.72
C LYS C 140 -15.43 10.75 -35.26
N ALA C 141 -14.98 9.93 -34.30
CA ALA C 141 -15.15 10.22 -32.88
C ALA C 141 -14.40 11.49 -32.49
N TYR C 142 -13.18 11.67 -33.01
CA TYR C 142 -12.39 12.85 -32.72
C TYR C 142 -13.05 14.10 -33.30
N ARG C 143 -13.57 14.00 -34.53
CA ARG C 143 -14.26 15.11 -35.17
C ARG C 143 -15.51 15.50 -34.38
N THR C 144 -16.26 14.49 -33.90
CA THR C 144 -17.44 14.72 -33.08
C THR C 144 -17.06 15.45 -31.78
N TYR C 145 -15.93 15.05 -31.17
CA TYR C 145 -15.41 15.68 -29.97
C TYR C 145 -15.14 17.18 -30.23
N LEU C 146 -14.41 17.49 -31.32
CA LEU C 146 -14.10 18.87 -31.68
C LEU C 146 -15.38 19.69 -31.95
N GLU C 147 -16.38 19.09 -32.62
CA GLU C 147 -17.64 19.77 -32.87
C GLU C 147 -18.33 20.13 -31.55
N LEU C 148 -18.35 19.20 -30.58
CA LEU C 148 -18.95 19.44 -29.28
C LEU C 148 -18.19 20.52 -28.49
N ILE C 149 -16.85 20.49 -28.55
CA ILE C 149 -16.00 21.49 -27.91
C ILE C 149 -16.31 22.89 -28.49
N GLU C 150 -16.33 23.00 -29.84
CA GLU C 150 -16.63 24.24 -30.56
C GLU C 150 -18.03 24.77 -30.21
N SER C 151 -18.97 23.87 -29.94
CA SER C 151 -20.32 24.26 -29.58
C SER C 151 -20.50 24.67 -28.11
N GLY C 152 -19.44 24.67 -27.30
CA GLY C 152 -19.53 25.09 -25.91
C GLY C 152 -19.75 23.99 -24.88
N VAL C 153 -19.66 22.73 -25.30
CA VAL C 153 -19.81 21.60 -24.37
C VAL C 153 -18.52 21.45 -23.59
N PRO C 154 -18.57 21.37 -22.24
CA PRO C 154 -17.31 21.22 -21.48
C PRO C 154 -16.52 19.98 -21.87
N ARG C 155 -15.17 20.08 -21.87
CA ARG C 155 -14.27 19.00 -22.25
C ARG C 155 -14.56 17.69 -21.53
N GLU C 156 -14.82 17.75 -20.21
CA GLU C 156 -15.11 16.56 -19.41
C GLU C 156 -16.30 15.76 -19.93
N VAL C 157 -17.26 16.43 -20.58
CA VAL C 157 -18.43 15.77 -21.15
C VAL C 157 -18.12 15.33 -22.58
N ALA C 158 -17.58 16.24 -23.39
CA ALA C 158 -17.30 15.97 -24.79
C ALA C 158 -16.34 14.81 -25.02
N ARG C 159 -15.35 14.64 -24.13
CA ARG C 159 -14.33 13.60 -24.26
C ARG C 159 -14.84 12.18 -24.08
N ILE C 160 -16.03 11.99 -23.50
CA ILE C 160 -16.55 10.66 -23.25
C ILE C 160 -16.80 9.83 -24.53
N VAL C 161 -16.87 10.48 -25.70
CA VAL C 161 -17.04 9.77 -26.97
C VAL C 161 -15.71 9.30 -27.59
N LEU C 162 -14.56 9.77 -27.05
CA LEU C 162 -13.24 9.40 -27.57
C LEU C 162 -12.93 7.92 -27.29
N PRO C 163 -12.28 7.23 -28.24
CA PRO C 163 -12.04 5.79 -28.06
C PRO C 163 -10.92 5.41 -27.08
N LEU C 164 -10.86 4.12 -26.70
CA LEU C 164 -9.86 3.59 -25.77
C LEU C 164 -8.42 3.61 -26.30
N ASN C 165 -8.24 3.81 -27.61
CA ASN C 165 -6.89 3.90 -28.16
C ASN C 165 -6.31 5.33 -28.08
N LEU C 166 -7.02 6.28 -27.40
CA LEU C 166 -6.53 7.64 -27.20
C LEU C 166 -5.27 7.56 -26.33
N TYR C 167 -4.19 8.23 -26.74
CA TYR C 167 -2.94 8.24 -25.98
C TYR C 167 -3.04 9.15 -24.80
N THR C 168 -2.41 8.73 -23.70
CA THR C 168 -2.28 9.49 -22.47
C THR C 168 -0.81 9.47 -22.03
N ARG C 169 -0.43 10.42 -21.18
CA ARG C 169 0.94 10.47 -20.64
C ARG C 169 0.91 10.49 -19.14
N PHE C 170 1.85 9.77 -18.53
CA PHE C 170 1.94 9.71 -17.08
C PHE C 170 3.37 9.52 -16.60
N PHE C 171 3.63 9.89 -15.35
CA PHE C 171 4.90 9.68 -14.69
C PHE C 171 4.67 8.46 -13.78
N TRP C 172 5.62 7.53 -13.78
CA TRP C 172 5.50 6.31 -12.98
C TRP C 172 6.70 6.20 -12.09
N THR C 173 6.52 6.30 -10.76
CA THR C 173 7.63 6.13 -9.82
C THR C 173 7.42 4.79 -9.14
N VAL C 174 8.36 3.87 -9.34
CA VAL C 174 8.21 2.50 -8.84
C VAL C 174 9.55 1.94 -8.36
N ASN C 175 9.54 1.11 -7.30
CA ASN C 175 10.78 0.49 -6.83
C ASN C 175 11.06 -0.83 -7.60
N ALA C 176 12.29 -1.35 -7.49
CA ALA C 176 12.68 -2.56 -8.23
C ALA C 176 11.85 -3.79 -7.89
N ARG C 177 11.38 -3.95 -6.63
CA ARG C 177 10.54 -5.09 -6.28
C ARG C 177 9.19 -5.05 -6.99
N SER C 178 8.50 -3.90 -6.95
CA SER C 178 7.22 -3.73 -7.64
C SER C 178 7.39 -3.77 -9.16
N LEU C 179 8.50 -3.26 -9.67
CA LEU C 179 8.84 -3.32 -11.09
C LEU C 179 9.03 -4.80 -11.54
N MET C 180 9.60 -5.64 -10.66
CA MET C 180 9.77 -7.05 -10.97
C MET C 180 8.44 -7.79 -11.00
N ASN C 181 7.49 -7.38 -10.14
CA ASN C 181 6.13 -7.96 -10.15
C ASN C 181 5.44 -7.57 -11.46
N PHE C 182 5.62 -6.32 -11.91
CA PHE C 182 5.07 -5.81 -13.15
C PHE C 182 5.63 -6.60 -14.32
N LEU C 183 6.93 -6.89 -14.32
CA LEU C 183 7.55 -7.66 -15.41
C LEU C 183 7.05 -9.10 -15.44
N ASN C 184 6.80 -9.72 -14.26
CA ASN C 184 6.30 -11.09 -14.20
C ASN C 184 4.96 -11.21 -14.93
N LEU C 185 4.10 -10.19 -14.75
CA LEU C 185 2.76 -10.17 -15.30
C LEU C 185 2.66 -9.61 -16.72
N ARG C 186 3.38 -8.54 -17.02
CA ARG C 186 3.26 -7.88 -18.32
C ARG C 186 4.28 -8.34 -19.35
N ALA C 187 5.49 -8.70 -18.93
CA ALA C 187 6.49 -9.23 -19.87
C ALA C 187 6.24 -10.73 -19.98
N ASP C 188 5.12 -11.09 -20.57
CA ASP C 188 4.67 -12.47 -20.69
C ASP C 188 3.67 -12.56 -21.86
N SER C 189 3.72 -13.67 -22.62
CA SER C 189 2.85 -13.88 -23.78
C SER C 189 1.35 -13.88 -23.46
N HIS C 190 0.95 -14.13 -22.21
CA HIS C 190 -0.47 -14.10 -21.82
C HIS C 190 -0.99 -12.66 -21.67
N ALA C 191 -0.10 -11.67 -21.55
CA ALA C 191 -0.51 -10.27 -21.46
C ALA C 191 -0.80 -9.77 -22.87
N GLN C 192 -1.59 -8.69 -23.01
CA GLN C 192 -1.88 -8.15 -24.34
C GLN C 192 -0.60 -7.67 -25.03
N TRP C 193 -0.45 -7.94 -26.33
CA TRP C 193 0.76 -7.61 -27.10
C TRP C 193 1.24 -6.17 -26.89
N GLU C 194 0.32 -5.21 -26.85
CA GLU C 194 0.64 -3.80 -26.63
C GLU C 194 1.36 -3.56 -25.29
N ILE C 195 0.88 -4.13 -24.17
CA ILE C 195 1.55 -3.93 -22.88
C ILE C 195 2.83 -4.81 -22.78
N GLN C 196 2.97 -5.90 -23.60
CA GLN C 196 4.21 -6.68 -23.63
C GLN C 196 5.36 -5.82 -24.13
N GLN C 197 5.08 -5.02 -25.19
CA GLN C 197 6.00 -4.08 -25.80
C GLN C 197 6.46 -3.03 -24.81
N TYR C 198 5.55 -2.51 -24.00
CA TYR C 198 5.88 -1.54 -22.97
C TYR C 198 6.73 -2.16 -21.86
N ALA C 199 6.40 -3.39 -21.47
CA ALA C 199 7.16 -4.09 -20.43
C ALA C 199 8.58 -4.44 -20.92
N LEU C 200 8.77 -4.72 -22.21
CA LEU C 200 10.11 -4.99 -22.74
C LEU C 200 10.99 -3.76 -22.60
N ALA C 201 10.41 -2.56 -22.84
CA ALA C 201 11.14 -1.29 -22.69
C ALA C 201 11.51 -1.05 -21.23
N ILE C 202 10.60 -1.36 -20.30
CA ILE C 202 10.86 -1.21 -18.87
C ILE C 202 11.98 -2.16 -18.45
N ALA C 203 11.95 -3.41 -18.94
CA ALA C 203 12.96 -4.43 -18.64
C ALA C 203 14.32 -4.02 -19.19
N ARG C 204 14.35 -3.39 -20.36
CA ARG C 204 15.57 -2.93 -21.00
C ARG C 204 16.24 -1.85 -20.14
N ILE C 205 15.46 -0.87 -19.66
CA ILE C 205 15.99 0.20 -18.82
C ILE C 205 16.44 -0.36 -17.46
N PHE C 206 15.65 -1.29 -16.90
CA PHE C 206 15.95 -1.94 -15.63
C PHE C 206 17.27 -2.70 -15.72
N LYS C 207 17.47 -3.51 -16.79
CA LYS C 207 18.70 -4.28 -17.01
C LYS C 207 19.92 -3.35 -17.09
N GLU C 208 19.77 -2.19 -17.77
CA GLU C 208 20.84 -1.22 -17.92
C GLU C 208 21.28 -0.63 -16.58
N LYS C 209 20.33 -0.33 -15.68
CA LYS C 209 20.67 0.29 -14.40
C LYS C 209 20.99 -0.72 -13.29
N CYS C 210 20.39 -1.90 -13.35
CA CYS C 210 20.59 -2.93 -12.35
C CYS C 210 20.90 -4.27 -13.01
N PRO C 211 22.08 -4.41 -13.66
CA PRO C 211 22.40 -5.67 -14.34
C PRO C 211 22.38 -6.92 -13.45
N TRP C 212 22.96 -6.85 -12.25
CA TRP C 212 22.99 -8.00 -11.34
C TRP C 212 21.59 -8.37 -10.85
N THR C 213 20.78 -7.39 -10.45
CA THR C 213 19.41 -7.64 -10.00
C THR C 213 18.59 -8.26 -11.12
N PHE C 214 18.73 -7.72 -12.34
CA PHE C 214 17.97 -8.21 -13.49
C PHE C 214 18.36 -9.65 -13.83
N GLU C 215 19.67 -9.95 -13.83
CA GLU C 215 20.15 -11.29 -14.11
C GLU C 215 19.66 -12.28 -13.05
N ALA C 216 19.70 -11.87 -11.76
CA ALA C 216 19.22 -12.72 -10.67
C ALA C 216 17.72 -12.93 -10.75
N PHE C 217 16.97 -11.91 -11.16
CA PHE C 217 15.53 -11.97 -11.32
C PHE C 217 15.18 -13.02 -12.38
N LEU C 218 15.82 -12.98 -13.56
CA LEU C 218 15.57 -13.99 -14.59
C LEU C 218 15.93 -15.41 -14.10
N LYS C 219 17.05 -15.53 -13.39
CA LYS C 219 17.55 -16.78 -12.89
C LYS C 219 16.69 -17.42 -11.81
N TYR C 220 16.15 -16.63 -10.87
CA TYR C 220 15.43 -17.16 -9.71
C TYR C 220 13.97 -16.79 -9.50
N ALA C 221 13.52 -15.59 -9.91
CA ALA C 221 12.18 -15.14 -9.59
C ALA C 221 11.23 -14.93 -10.77
N TYR C 222 11.75 -14.71 -11.98
CA TYR C 222 10.93 -14.42 -13.16
C TYR C 222 10.01 -15.58 -13.58
N LYS C 223 8.69 -15.31 -13.59
CA LYS C 223 7.65 -16.28 -13.91
C LYS C 223 7.15 -16.22 -15.37
N GLY C 224 7.45 -15.14 -16.08
CA GLY C 224 7.01 -14.98 -17.46
C GLY C 224 7.82 -15.77 -18.46
N ASP C 225 7.65 -15.49 -19.77
CA ASP C 225 8.37 -16.23 -20.80
C ASP C 225 9.18 -15.39 -21.81
N ILE C 226 8.67 -14.22 -22.22
CA ILE C 226 9.33 -13.43 -23.27
C ILE C 226 10.69 -12.83 -22.88
N LEU C 227 11.00 -12.60 -21.58
CA LEU C 227 12.32 -12.04 -21.23
C LEU C 227 13.45 -13.05 -21.35
N LYS C 228 13.13 -14.35 -21.26
CA LYS C 228 14.13 -15.39 -21.43
C LYS C 228 14.39 -15.72 -22.92
N GLU C 229 13.57 -15.21 -23.85
CA GLU C 229 13.72 -15.44 -25.28
C GLU C 229 14.25 -14.17 -25.98
N VAL C 230 13.66 -13.01 -25.66
CA VAL C 230 14.02 -11.73 -26.28
C VAL C 230 15.17 -11.09 -25.52
N GLN C 231 16.24 -10.71 -26.23
CA GLN C 231 17.37 -10.04 -25.59
C GLN C 231 17.04 -8.55 -25.41
N VAL C 232 17.08 -8.05 -24.17
CA VAL C 232 16.76 -6.64 -23.90
C VAL C 232 18.02 -5.78 -23.96
N HIS D 12 -29.59 -6.82 -0.65
CA HIS D 12 -28.39 -6.04 -1.02
C HIS D 12 -28.81 -4.66 -1.50
N MET D 13 -28.46 -3.60 -0.76
CA MET D 13 -28.77 -2.23 -1.15
C MET D 13 -28.21 -1.91 -2.54
N LYS D 14 -29.05 -1.49 -3.48
CA LYS D 14 -28.58 -1.17 -4.82
C LYS D 14 -29.13 0.16 -5.24
N ILE D 15 -28.27 1.18 -5.32
CA ILE D 15 -28.70 2.51 -5.73
C ILE D 15 -28.36 2.70 -7.21
N ASP D 16 -29.30 3.22 -8.01
CA ASP D 16 -29.09 3.42 -9.44
C ASP D 16 -28.48 4.77 -9.71
N ILE D 17 -27.45 4.81 -10.54
CA ILE D 17 -26.71 6.04 -10.86
C ILE D 17 -26.57 6.16 -12.37
N LEU D 18 -26.76 7.37 -12.91
CA LEU D 18 -26.72 7.62 -14.36
C LEU D 18 -27.82 6.78 -15.11
N ASP D 19 -27.81 6.72 -16.44
CA ASP D 19 -28.82 5.99 -17.20
C ASP D 19 -28.82 4.47 -16.96
N LYS D 20 -27.64 3.85 -16.72
CA LYS D 20 -27.60 2.39 -16.54
C LYS D 20 -26.70 1.91 -15.39
N GLY D 21 -25.97 2.81 -14.76
CA GLY D 21 -25.05 2.42 -13.70
C GLY D 21 -25.71 2.15 -12.37
N PHE D 22 -24.95 1.60 -11.43
CA PHE D 22 -25.41 1.29 -10.07
C PHE D 22 -24.23 1.13 -9.10
N VAL D 23 -24.52 1.15 -7.79
CA VAL D 23 -23.60 0.91 -6.69
C VAL D 23 -24.37 -0.02 -5.79
N GLU D 24 -23.92 -1.26 -5.73
CA GLU D 24 -24.62 -2.30 -4.98
C GLU D 24 -23.71 -2.80 -3.85
N LEU D 25 -24.25 -2.96 -2.63
CA LEU D 25 -23.48 -3.48 -1.53
C LEU D 25 -23.48 -4.99 -1.58
N VAL D 26 -22.32 -5.60 -1.74
CA VAL D 26 -22.20 -7.05 -1.80
C VAL D 26 -22.03 -7.63 -0.38
N ASP D 27 -21.18 -7.01 0.43
CA ASP D 27 -20.91 -7.50 1.78
C ASP D 27 -20.28 -6.42 2.66
N VAL D 28 -20.32 -6.60 3.98
CA VAL D 28 -19.72 -5.67 4.93
C VAL D 28 -19.22 -6.45 6.13
N MET D 29 -18.06 -6.07 6.67
CA MET D 29 -17.54 -6.67 7.87
C MET D 29 -17.52 -5.62 8.93
N GLY D 30 -18.31 -5.82 9.97
CA GLY D 30 -18.36 -4.90 11.09
C GLY D 30 -19.33 -3.75 10.99
N ASN D 31 -19.28 -2.90 12.00
CA ASN D 31 -20.12 -1.71 12.12
C ASN D 31 -19.33 -0.65 12.95
N ASP D 32 -19.99 0.39 13.50
CA ASP D 32 -19.30 1.39 14.32
C ASP D 32 -18.52 0.76 15.48
N LEU D 33 -19.10 -0.32 16.06
CA LEU D 33 -18.47 -1.00 17.18
C LEU D 33 -17.18 -1.69 16.82
N SER D 34 -16.95 -2.02 15.53
CA SER D 34 -15.68 -2.63 15.11
C SER D 34 -14.52 -1.64 15.29
N ALA D 35 -14.78 -0.34 15.07
CA ALA D 35 -13.78 0.69 15.29
C ALA D 35 -13.54 0.88 16.79
N VAL D 36 -14.62 0.82 17.59
CA VAL D 36 -14.57 0.94 19.07
C VAL D 36 -13.75 -0.22 19.64
N ARG D 37 -14.02 -1.45 19.17
CA ARG D 37 -13.32 -2.66 19.59
C ARG D 37 -11.85 -2.62 19.22
N ALA D 38 -11.54 -2.08 18.05
CA ALA D 38 -10.17 -1.97 17.56
C ALA D 38 -9.38 -0.94 18.34
N ALA D 39 -10.00 0.20 18.68
CA ALA D 39 -9.35 1.26 19.44
C ALA D 39 -9.06 0.82 20.87
N ARG D 40 -10.01 0.15 21.54
CA ARG D 40 -9.78 -0.33 22.91
C ARG D 40 -8.99 -1.63 22.95
N VAL D 41 -8.98 -2.41 21.85
CA VAL D 41 -8.36 -3.74 21.71
C VAL D 41 -9.05 -4.72 22.65
N SER D 42 -10.39 -4.80 22.58
CA SER D 42 -11.19 -5.67 23.46
C SER D 42 -12.57 -6.02 22.83
N PHE D 43 -13.46 -6.69 23.59
CA PHE D 43 -14.81 -7.03 23.17
C PHE D 43 -15.86 -6.31 24.03
N ASP D 49 -21.79 1.35 27.07
CA ASP D 49 -23.09 1.85 26.63
C ASP D 49 -22.96 2.74 25.37
N GLU D 50 -24.05 2.82 24.59
CA GLU D 50 -24.14 3.56 23.33
C GLU D 50 -23.66 5.02 23.39
N GLU D 51 -23.76 5.68 24.56
CA GLU D 51 -23.33 7.06 24.69
C GLU D 51 -21.81 7.18 24.82
N ARG D 52 -21.17 6.21 25.48
CA ARG D 52 -19.72 6.22 25.65
C ARG D 52 -19.02 5.79 24.36
N ASP D 53 -19.57 4.78 23.69
CA ASP D 53 -19.02 4.24 22.45
C ASP D 53 -19.11 5.24 21.30
N ARG D 54 -20.19 6.01 21.25
CA ARG D 54 -20.36 7.04 20.23
C ARG D 54 -19.44 8.22 20.50
N HIS D 55 -19.18 8.52 21.78
CA HIS D 55 -18.26 9.57 22.20
C HIS D 55 -16.82 9.18 21.80
N LEU D 56 -16.48 7.89 21.86
CA LEU D 56 -15.18 7.39 21.46
C LEU D 56 -14.98 7.54 19.95
N ILE D 57 -16.02 7.24 19.13
CA ILE D 57 -15.98 7.38 17.67
C ILE D 57 -15.65 8.83 17.30
N GLU D 58 -16.36 9.79 17.93
CA GLU D 58 -16.17 11.22 17.72
C GLU D 58 -14.78 11.65 18.17
N TYR D 59 -14.32 11.13 19.32
CA TYR D 59 -12.97 11.42 19.83
C TYR D 59 -11.90 11.00 18.82
N LEU D 60 -12.01 9.78 18.26
CA LEU D 60 -11.08 9.23 17.27
C LEU D 60 -11.00 10.09 16.00
N MET D 61 -12.15 10.51 15.49
CA MET D 61 -12.22 11.33 14.28
C MET D 61 -11.65 12.72 14.52
N LYS D 62 -11.95 13.30 15.70
CA LYS D 62 -11.53 14.66 16.06
C LYS D 62 -10.02 14.77 16.24
N HIS D 63 -9.40 13.74 16.81
CA HIS D 63 -7.97 13.75 17.06
C HIS D 63 -7.11 13.07 16.01
N GLY D 64 -7.72 12.64 14.90
CA GLY D 64 -6.97 12.02 13.83
C GLY D 64 -6.55 10.57 14.05
N HIS D 65 -7.15 9.87 15.02
CA HIS D 65 -6.84 8.45 15.21
C HIS D 65 -7.74 7.68 14.24
N GLU D 66 -7.27 7.55 12.99
CA GLU D 66 -8.05 6.95 11.93
C GLU D 66 -7.88 5.45 11.76
N THR D 67 -6.75 4.90 12.24
CA THR D 67 -6.47 3.47 12.08
C THR D 67 -7.61 2.54 12.60
N PRO D 68 -8.36 2.80 13.71
CA PRO D 68 -9.44 1.88 14.10
C PRO D 68 -10.54 1.72 13.03
N PHE D 69 -10.72 2.75 12.20
CA PHE D 69 -11.69 2.70 11.11
C PHE D 69 -11.29 1.77 9.96
N GLU D 70 -10.04 1.29 9.95
CA GLU D 70 -9.60 0.34 8.94
C GLU D 70 -10.16 -1.07 9.16
N HIS D 71 -10.74 -1.34 10.34
CA HIS D 71 -11.27 -2.64 10.71
C HIS D 71 -12.75 -2.83 10.33
N ILE D 72 -13.33 -1.86 9.62
CA ILE D 72 -14.67 -1.91 9.03
C ILE D 72 -14.39 -2.04 7.54
N VAL D 73 -14.84 -3.12 6.89
CA VAL D 73 -14.56 -3.33 5.46
C VAL D 73 -15.87 -3.47 4.67
N PHE D 74 -15.89 -3.00 3.42
CA PHE D 74 -17.06 -3.08 2.56
C PHE D 74 -16.69 -3.71 1.23
N THR D 75 -17.63 -4.39 0.61
CA THR D 75 -17.46 -4.90 -0.75
C THR D 75 -18.60 -4.34 -1.56
N PHE D 76 -18.29 -3.66 -2.65
CA PHE D 76 -19.30 -3.09 -3.54
C PHE D 76 -19.21 -3.71 -4.92
N HIS D 77 -20.34 -3.73 -5.63
CA HIS D 77 -20.42 -4.17 -7.01
C HIS D 77 -20.83 -2.88 -7.74
N VAL D 78 -19.93 -2.35 -8.57
CA VAL D 78 -20.19 -1.08 -9.25
C VAL D 78 -20.24 -1.26 -10.76
N LYS D 79 -21.26 -0.68 -11.38
CA LYS D 79 -21.36 -0.66 -12.84
C LYS D 79 -21.17 0.81 -13.19
N ALA D 80 -20.07 1.14 -13.85
CA ALA D 80 -19.76 2.54 -14.13
C ALA D 80 -19.10 2.74 -15.48
N PRO D 81 -19.24 3.93 -16.08
CA PRO D 81 -18.55 4.21 -17.35
C PRO D 81 -17.04 4.18 -17.14
N ILE D 82 -16.26 3.73 -18.16
CA ILE D 82 -14.80 3.65 -18.07
C ILE D 82 -14.16 4.97 -17.61
N PHE D 83 -14.69 6.15 -18.03
CA PHE D 83 -14.11 7.42 -17.56
C PHE D 83 -14.27 7.60 -16.06
N VAL D 84 -15.34 7.07 -15.47
CA VAL D 84 -15.57 7.14 -14.02
C VAL D 84 -14.67 6.11 -13.33
N ALA D 85 -14.63 4.87 -13.87
CA ALA D 85 -13.81 3.79 -13.33
C ALA D 85 -12.32 4.13 -13.33
N ARG D 86 -11.82 4.81 -14.36
CA ARG D 86 -10.41 5.20 -14.40
C ARG D 86 -10.02 6.09 -13.24
N GLN D 87 -10.90 7.02 -12.85
CA GLN D 87 -10.62 7.89 -11.72
C GLN D 87 -10.74 7.11 -10.41
N TRP D 88 -11.75 6.24 -10.31
CA TRP D 88 -12.00 5.41 -9.15
C TRP D 88 -10.81 4.51 -8.84
N PHE D 89 -10.29 3.81 -9.87
CA PHE D 89 -9.17 2.88 -9.76
C PHE D 89 -7.85 3.55 -9.33
N ARG D 90 -7.80 4.90 -9.34
CA ARG D 90 -6.64 5.64 -8.84
C ARG D 90 -6.49 5.47 -7.32
N HIS D 91 -7.58 5.07 -6.61
CA HIS D 91 -7.50 4.86 -5.17
C HIS D 91 -6.86 3.48 -4.94
N ARG D 92 -5.55 3.50 -4.68
CA ARG D 92 -4.68 2.34 -4.53
C ARG D 92 -4.91 1.55 -3.26
N ILE D 93 -5.36 2.22 -2.19
CA ILE D 93 -5.58 1.52 -0.92
C ILE D 93 -6.99 0.88 -0.92
N ALA D 94 -7.15 -0.14 -1.76
CA ALA D 94 -8.40 -0.86 -1.98
C ALA D 94 -8.11 -2.12 -2.87
N SER D 95 -9.12 -3.00 -3.03
CA SER D 95 -9.05 -4.19 -3.85
C SER D 95 -10.06 -4.06 -5.01
N TYR D 96 -9.70 -4.53 -6.20
CA TYR D 96 -10.55 -4.41 -7.38
C TYR D 96 -10.59 -5.70 -8.17
N ASN D 97 -11.68 -5.93 -8.87
CA ASN D 97 -11.83 -7.04 -9.78
C ASN D 97 -12.87 -6.66 -10.78
N GLU D 98 -12.44 -6.35 -11.99
CA GLU D 98 -13.25 -5.88 -13.10
C GLU D 98 -13.53 -6.97 -14.12
N LEU D 99 -14.61 -6.80 -14.92
N LEU D 99 -14.61 -6.85 -14.93
CA LEU D 99 -15.04 -7.65 -16.03
CA LEU D 99 -14.86 -7.82 -16.01
C LEU D 99 -13.93 -7.82 -17.06
C LEU D 99 -13.89 -7.54 -17.16
N SER D 100 -13.81 -9.02 -17.63
N SER D 100 -13.31 -8.60 -17.75
CA SER D 100 -12.78 -9.28 -18.63
CA SER D 100 -12.33 -8.46 -18.81
C SER D 100 -13.21 -10.28 -19.71
C SER D 100 -12.88 -8.11 -20.19
N GLY D 101 -14.24 -11.05 -19.45
N GLY D 101 -12.53 -6.93 -20.68
CA GLY D 101 -14.72 -12.06 -20.39
CA GLY D 101 -12.91 -6.54 -22.03
C GLY D 101 -14.09 -13.43 -20.20
C GLY D 101 -12.10 -7.31 -23.07
N ARG D 102 -13.02 -13.51 -19.40
N ARG D 102 -10.85 -7.65 -22.71
CA ARG D 102 -12.32 -14.75 -19.10
CA ARG D 102 -9.92 -8.40 -23.52
C ARG D 102 -13.10 -15.64 -18.14
C ARG D 102 -10.43 -9.83 -23.79
N TYR D 103 -13.94 -15.07 -17.27
N TYR D 103 -11.04 -10.45 -22.76
CA TYR D 103 -14.73 -15.86 -16.32
CA TYR D 103 -11.57 -11.79 -22.89
C TYR D 103 -16.23 -15.56 -16.35
C TYR D 103 -13.08 -11.70 -23.16
N SER D 104 -16.63 -14.42 -16.94
CA SER D 104 -18.04 -14.02 -16.95
C SER D 104 -18.46 -13.37 -18.26
N LYS D 105 -19.76 -13.17 -18.42
CA LYS D 105 -20.31 -12.59 -19.63
C LYS D 105 -20.15 -11.07 -19.64
N LEU D 106 -19.58 -10.54 -20.72
CA LEU D 106 -19.41 -9.10 -20.86
C LEU D 106 -20.67 -8.45 -21.45
N SER D 107 -20.95 -7.21 -21.06
CA SER D 107 -22.12 -6.46 -21.54
C SER D 107 -21.68 -5.21 -22.32
N TYR D 108 -22.54 -4.73 -23.24
CA TYR D 108 -22.16 -3.56 -24.05
C TYR D 108 -23.17 -2.43 -23.99
N GLU D 109 -23.03 -1.57 -23.00
CA GLU D 109 -23.91 -0.43 -22.74
C GLU D 109 -23.13 0.87 -22.60
N PHE D 110 -23.75 2.01 -22.90
CA PHE D 110 -23.03 3.29 -22.84
C PHE D 110 -23.78 4.35 -22.06
N TYR D 111 -23.03 5.27 -21.48
CA TYR D 111 -23.61 6.37 -20.72
C TYR D 111 -23.93 7.55 -21.65
N ILE D 112 -25.21 7.82 -21.85
CA ILE D 112 -25.63 8.95 -22.65
C ILE D 112 -26.07 10.05 -21.70
N PRO D 113 -25.35 11.16 -21.65
CA PRO D 113 -25.73 12.24 -20.72
C PRO D 113 -27.08 12.83 -21.10
N SER D 114 -27.91 13.13 -20.10
CA SER D 114 -29.21 13.74 -20.35
C SER D 114 -29.03 15.23 -20.67
N PRO D 115 -29.99 15.87 -21.38
CA PRO D 115 -29.86 17.30 -21.68
C PRO D 115 -29.60 18.20 -20.45
N GLU D 116 -30.13 17.82 -19.28
CA GLU D 116 -29.93 18.60 -18.06
C GLU D 116 -28.46 18.65 -17.59
N ARG D 117 -27.63 17.71 -18.06
CA ARG D 117 -26.20 17.69 -17.75
C ARG D 117 -25.49 18.91 -18.35
N LEU D 118 -25.95 19.36 -19.54
CA LEU D 118 -25.40 20.51 -20.26
C LEU D 118 -25.99 21.85 -19.88
N GLU D 119 -27.16 21.85 -19.22
CA GLU D 119 -27.80 23.08 -18.75
C GLU D 119 -26.88 23.71 -17.68
N GLY D 120 -26.48 24.94 -17.94
CA GLY D 120 -25.50 25.64 -17.11
C GLY D 120 -24.35 26.15 -17.96
N TYR D 121 -24.09 25.49 -19.09
CA TYR D 121 -23.03 25.86 -20.02
C TYR D 121 -23.72 26.49 -21.23
N LYS D 122 -23.22 27.66 -21.66
CA LYS D 122 -23.80 28.33 -22.83
C LYS D 122 -23.36 27.57 -24.07
N THR D 123 -24.29 26.86 -24.73
CA THR D 123 -23.93 26.10 -25.93
C THR D 123 -24.57 26.67 -27.19
N THR D 124 -23.89 26.54 -28.32
CA THR D 124 -24.42 27.01 -29.61
C THR D 124 -25.50 26.08 -30.16
N ILE D 125 -25.45 24.79 -29.80
CA ILE D 125 -26.46 23.82 -30.20
C ILE D 125 -27.28 23.39 -28.96
N PRO D 126 -28.57 23.09 -29.12
CA PRO D 126 -29.38 22.69 -27.95
C PRO D 126 -28.79 21.49 -27.18
N PRO D 127 -29.01 21.42 -25.86
CA PRO D 127 -28.48 20.27 -25.10
C PRO D 127 -29.00 18.92 -25.59
N GLU D 128 -30.22 18.87 -26.14
CA GLU D 128 -30.80 17.65 -26.71
C GLU D 128 -30.02 17.21 -27.96
N ARG D 129 -29.49 18.17 -28.72
CA ARG D 129 -28.69 17.90 -29.91
C ARG D 129 -27.33 17.31 -29.50
N VAL D 130 -26.77 17.74 -28.36
CA VAL D 130 -25.51 17.20 -27.83
C VAL D 130 -25.72 15.74 -27.43
N THR D 131 -26.85 15.45 -26.76
CA THR D 131 -27.24 14.11 -26.33
C THR D 131 -27.36 13.19 -27.56
N GLU D 132 -28.01 13.71 -28.61
CA GLU D 132 -28.20 13.02 -29.88
C GLU D 132 -26.85 12.72 -30.57
N LYS D 133 -25.98 13.73 -30.67
CA LYS D 133 -24.65 13.58 -31.28
C LYS D 133 -23.83 12.53 -30.53
N ILE D 134 -23.94 12.49 -29.18
CA ILE D 134 -23.24 11.51 -28.36
C ILE D 134 -23.79 10.11 -28.63
N SER D 135 -25.12 9.93 -28.65
CA SER D 135 -25.73 8.62 -28.94
C SER D 135 -25.30 8.11 -30.32
N GLU D 136 -25.26 9.04 -31.29
CA GLU D 136 -24.91 8.72 -32.67
C GLU D 136 -23.50 8.15 -32.80
N ILE D 137 -22.49 8.86 -32.27
CA ILE D 137 -21.11 8.41 -32.40
C ILE D 137 -20.88 7.09 -31.62
N VAL D 138 -21.56 6.88 -30.47
CA VAL D 138 -21.39 5.62 -29.73
C VAL D 138 -22.03 4.46 -30.50
N ASP D 139 -23.14 4.72 -31.21
CA ASP D 139 -23.79 3.72 -32.02
C ASP D 139 -22.86 3.30 -33.17
N LYS D 140 -22.23 4.29 -33.83
CA LYS D 140 -21.28 4.05 -34.92
C LYS D 140 -20.06 3.25 -34.43
N ALA D 141 -19.46 3.66 -33.29
CA ALA D 141 -18.30 2.97 -32.74
C ALA D 141 -18.66 1.54 -32.33
N TYR D 142 -19.83 1.36 -31.72
CA TYR D 142 -20.26 0.03 -31.31
C TYR D 142 -20.51 -0.86 -32.52
N ARG D 143 -21.13 -0.32 -33.57
CA ARG D 143 -21.40 -1.07 -34.80
C ARG D 143 -20.08 -1.49 -35.44
N THR D 144 -19.08 -0.58 -35.46
CA THR D 144 -17.75 -0.85 -36.00
C THR D 144 -17.10 -1.99 -35.21
N TYR D 145 -17.25 -1.97 -33.88
CA TYR D 145 -16.72 -3.01 -32.99
C TYR D 145 -17.31 -4.38 -33.37
N LEU D 146 -18.65 -4.46 -33.50
CA LEU D 146 -19.33 -5.69 -33.87
C LEU D 146 -18.89 -6.19 -35.25
N GLU D 147 -18.71 -5.28 -36.21
CA GLU D 147 -18.26 -5.65 -37.56
C GLU D 147 -16.86 -6.28 -37.49
N LEU D 148 -15.95 -5.68 -36.70
CA LEU D 148 -14.60 -6.21 -36.55
C LEU D 148 -14.62 -7.57 -35.85
N ILE D 149 -15.45 -7.74 -34.82
CA ILE D 149 -15.61 -9.01 -34.10
C ILE D 149 -16.10 -10.10 -35.07
N GLU D 150 -17.16 -9.79 -35.85
CA GLU D 150 -17.74 -10.71 -36.84
C GLU D 150 -16.71 -11.10 -37.91
N SER D 151 -15.79 -10.18 -38.23
CA SER D 151 -14.76 -10.44 -39.24
C SER D 151 -13.55 -11.23 -38.72
N GLY D 152 -13.55 -11.64 -37.45
CA GLY D 152 -12.46 -12.44 -36.90
C GLY D 152 -11.35 -11.68 -36.19
N VAL D 153 -11.55 -10.38 -35.94
CA VAL D 153 -10.56 -9.57 -35.24
C VAL D 153 -10.70 -9.86 -33.75
N PRO D 154 -9.60 -10.19 -33.04
CA PRO D 154 -9.72 -10.48 -31.60
C PRO D 154 -10.34 -9.34 -30.81
N ARG D 155 -11.16 -9.65 -29.79
CA ARG D 155 -11.85 -8.66 -28.96
C ARG D 155 -10.93 -7.62 -28.40
N GLU D 156 -9.74 -8.03 -27.90
CA GLU D 156 -8.75 -7.11 -27.33
C GLU D 156 -8.33 -6.00 -28.29
N VAL D 157 -8.36 -6.28 -29.60
CA VAL D 157 -8.01 -5.30 -30.62
C VAL D 157 -9.24 -4.51 -31.01
N ALA D 158 -10.35 -5.20 -31.32
CA ALA D 158 -11.60 -4.58 -31.75
C ALA D 158 -12.17 -3.57 -30.77
N ARG D 159 -12.03 -3.84 -29.47
CA ARG D 159 -12.58 -3.00 -28.42
C ARG D 159 -11.94 -1.63 -28.29
N ILE D 160 -10.72 -1.44 -28.85
CA ILE D 160 -10.01 -0.17 -28.72
C ILE D 160 -10.73 1.02 -29.36
N VAL D 161 -11.69 0.77 -30.25
CA VAL D 161 -12.48 1.84 -30.86
C VAL D 161 -13.69 2.26 -30.01
N LEU D 162 -14.04 1.49 -28.97
CA LEU D 162 -15.18 1.80 -28.11
C LEU D 162 -14.93 3.07 -27.28
N PRO D 163 -15.96 3.90 -27.08
CA PRO D 163 -15.74 5.17 -26.35
C PRO D 163 -15.60 5.03 -24.83
N LEU D 164 -15.11 6.09 -24.18
CA LEU D 164 -14.89 6.16 -22.75
C LEU D 164 -16.18 6.06 -21.91
N ASN D 165 -17.37 6.27 -22.54
CA ASN D 165 -18.62 6.14 -21.81
C ASN D 165 -19.15 4.69 -21.77
N LEU D 166 -18.36 3.69 -22.24
CA LEU D 166 -18.74 2.27 -22.16
C LEU D 166 -18.82 1.87 -20.70
N TYR D 167 -19.85 1.10 -20.36
CA TYR D 167 -20.04 0.64 -19.00
C TYR D 167 -19.21 -0.59 -18.71
N THR D 168 -18.57 -0.59 -17.54
CA THR D 168 -17.82 -1.71 -17.05
C THR D 168 -18.34 -2.10 -15.66
N ARG D 169 -18.03 -3.32 -15.21
CA ARG D 169 -18.44 -3.75 -13.88
C ARG D 169 -17.25 -4.20 -13.08
N PHE D 170 -17.23 -3.87 -11.79
CA PHE D 170 -16.12 -4.27 -10.93
C PHE D 170 -16.56 -4.46 -9.49
N PHE D 171 -15.77 -5.24 -8.73
CA PHE D 171 -15.98 -5.45 -7.31
C PHE D 171 -14.93 -4.57 -6.62
N TRP D 172 -15.36 -3.84 -5.59
CA TRP D 172 -14.47 -2.94 -4.87
C TRP D 172 -14.49 -3.30 -3.41
N THR D 173 -13.35 -3.78 -2.86
CA THR D 173 -13.28 -4.09 -1.43
C THR D 173 -12.41 -3.01 -0.79
N VAL D 174 -13.00 -2.21 0.11
CA VAL D 174 -12.31 -1.08 0.70
C VAL D 174 -12.67 -0.91 2.20
N ASN D 175 -11.72 -0.45 3.03
CA ASN D 175 -12.02 -0.20 4.44
C ASN D 175 -12.60 1.21 4.67
N ALA D 176 -13.20 1.46 5.85
CA ALA D 176 -13.84 2.75 6.12
C ALA D 176 -12.88 3.95 6.06
N ARG D 177 -11.60 3.78 6.43
CA ARG D 177 -10.64 4.88 6.35
C ARG D 177 -10.36 5.28 4.90
N SER D 178 -10.09 4.29 4.03
CA SER D 178 -9.84 4.55 2.61
C SER D 178 -11.12 5.04 1.91
N LEU D 179 -12.29 4.54 2.34
CA LEU D 179 -13.57 4.98 1.82
C LEU D 179 -13.81 6.47 2.19
N MET D 180 -13.37 6.88 3.38
CA MET D 180 -13.50 8.28 3.79
C MET D 180 -12.57 9.20 2.98
N ASN D 181 -11.39 8.71 2.58
CA ASN D 181 -10.47 9.45 1.71
C ASN D 181 -11.11 9.60 0.32
N PHE D 182 -11.77 8.54 -0.17
CA PHE D 182 -12.47 8.54 -1.44
C PHE D 182 -13.60 9.57 -1.40
N LEU D 183 -14.36 9.64 -0.30
CA LEU D 183 -15.45 10.60 -0.18
C LEU D 183 -14.94 12.03 -0.11
N ASN D 184 -13.79 12.27 0.54
CA ASN D 184 -13.19 13.61 0.62
C ASN D 184 -12.91 14.17 -0.78
N LEU D 185 -12.40 13.31 -1.68
CA LEU D 185 -12.01 13.67 -3.03
C LEU D 185 -13.14 13.60 -4.06
N ARG D 186 -13.99 12.56 -4.01
CA ARG D 186 -15.02 12.38 -5.01
C ARG D 186 -16.37 12.97 -4.65
N ALA D 187 -16.74 13.00 -3.36
CA ALA D 187 -17.99 13.63 -2.94
C ALA D 187 -17.68 15.10 -2.70
N ASP D 188 -17.38 15.81 -3.78
CA ASP D 188 -16.97 17.20 -3.74
C ASP D 188 -17.26 17.85 -5.12
N SER D 189 -17.67 19.12 -5.13
CA SER D 189 -18.00 19.83 -6.37
C SER D 189 -16.84 19.96 -7.36
N HIS D 190 -15.59 19.85 -6.90
CA HIS D 190 -14.43 19.89 -7.82
C HIS D 190 -14.25 18.59 -8.62
N ALA D 191 -14.85 17.49 -8.16
CA ALA D 191 -14.78 16.23 -8.88
C ALA D 191 -15.80 16.26 -10.01
N GLN D 192 -15.63 15.42 -11.04
CA GLN D 192 -16.58 15.37 -12.15
C GLN D 192 -17.98 14.98 -11.64
N TRP D 193 -19.03 15.64 -12.14
CA TRP D 193 -20.41 15.36 -11.70
C TRP D 193 -20.79 13.87 -11.67
N GLU D 194 -20.35 13.11 -12.67
CA GLU D 194 -20.61 11.68 -12.76
C GLU D 194 -20.01 10.90 -11.58
N ILE D 195 -18.73 11.14 -11.23
CA ILE D 195 -18.14 10.45 -10.08
C ILE D 195 -18.76 10.95 -8.77
N GLN D 196 -19.21 12.24 -8.69
CA GLN D 196 -19.90 12.76 -7.51
C GLN D 196 -21.20 11.94 -7.26
N GLN D 197 -21.89 11.56 -8.33
CA GLN D 197 -23.12 10.78 -8.22
C GLN D 197 -22.82 9.42 -7.61
N TYR D 198 -21.73 8.79 -8.04
CA TYR D 198 -21.29 7.50 -7.53
C TYR D 198 -20.85 7.61 -6.07
N ALA D 199 -20.14 8.69 -5.71
CA ALA D 199 -19.68 8.91 -4.36
C ALA D 199 -20.86 9.15 -3.40
N LEU D 200 -21.95 9.78 -3.88
CA LEU D 200 -23.14 9.99 -3.05
C LEU D 200 -23.76 8.64 -2.68
N ALA D 201 -23.77 7.68 -3.63
CA ALA D 201 -24.30 6.33 -3.39
C ALA D 201 -23.43 5.58 -2.39
N ILE D 202 -22.10 5.74 -2.49
CA ILE D 202 -21.16 5.11 -1.56
C ILE D 202 -21.38 5.68 -0.16
N ALA D 203 -21.55 7.00 -0.06
CA ALA D 203 -21.78 7.69 1.21
C ALA D 203 -23.09 7.26 1.84
N ARG D 204 -24.13 7.06 1.01
CA ARG D 204 -25.43 6.61 1.47
C ARG D 204 -25.34 5.22 2.10
N ILE D 205 -24.63 4.28 1.45
CA ILE D 205 -24.48 2.93 1.98
C ILE D 205 -23.62 2.95 3.24
N PHE D 206 -22.56 3.75 3.24
CA PHE D 206 -21.67 3.92 4.38
C PHE D 206 -22.46 4.45 5.59
N LYS D 207 -23.28 5.51 5.42
CA LYS D 207 -24.12 6.09 6.48
C LYS D 207 -25.08 5.05 7.07
N GLU D 208 -25.64 4.20 6.22
CA GLU D 208 -26.57 3.15 6.63
C GLU D 208 -25.90 2.11 7.53
N LYS D 209 -24.68 1.71 7.20
CA LYS D 209 -23.99 0.67 7.96
C LYS D 209 -23.20 1.21 9.15
N CYS D 210 -22.68 2.43 9.03
CA CYS D 210 -21.89 3.05 10.08
C CYS D 210 -22.40 4.46 10.38
N PRO D 211 -23.61 4.58 10.98
CA PRO D 211 -24.16 5.93 11.23
C PRO D 211 -23.29 6.83 12.11
N TRP D 212 -22.73 6.29 13.19
CA TRP D 212 -21.89 7.07 14.09
C TRP D 212 -20.60 7.52 13.42
N THR D 213 -19.92 6.62 12.69
CA THR D 213 -18.69 6.95 11.99
C THR D 213 -18.95 8.00 10.93
N PHE D 214 -20.05 7.84 10.18
CA PHE D 214 -20.40 8.79 9.12
C PHE D 214 -20.70 10.18 9.68
N GLU D 215 -21.45 10.25 10.79
CA GLU D 215 -21.79 11.52 11.42
C GLU D 215 -20.53 12.20 11.93
N ALA D 216 -19.61 11.43 12.54
CA ALA D 216 -18.36 11.97 13.04
C ALA D 216 -17.46 12.43 11.90
N PHE D 217 -17.46 11.69 10.79
CA PHE D 217 -16.68 12.04 9.61
C PHE D 217 -17.11 13.40 9.07
N LEU D 218 -18.42 13.67 8.88
CA LEU D 218 -18.85 14.98 8.41
C LEU D 218 -18.53 16.09 9.42
N LYS D 219 -18.69 15.78 10.70
CA LYS D 219 -18.41 16.73 11.76
C LYS D 219 -16.95 17.17 11.88
N TYR D 220 -16.00 16.23 11.72
CA TYR D 220 -14.59 16.58 11.94
C TYR D 220 -13.61 16.32 10.79
N ALA D 221 -13.75 15.22 10.06
CA ALA D 221 -12.74 14.85 9.06
C ALA D 221 -13.07 15.12 7.58
N TYR D 222 -14.34 15.38 7.23
CA TYR D 222 -14.77 15.62 5.85
C TYR D 222 -14.35 16.97 5.29
N LYS D 223 -13.57 16.93 4.19
CA LYS D 223 -13.03 18.11 3.52
C LYS D 223 -13.83 18.60 2.32
N GLY D 224 -14.74 17.77 1.81
CA GLY D 224 -15.55 18.13 0.65
C GLY D 224 -16.70 19.05 0.98
N ASP D 225 -17.64 19.23 0.02
CA ASP D 225 -18.76 20.15 0.26
C ASP D 225 -20.16 19.55 0.05
N ILE D 226 -20.33 18.66 -0.94
CA ILE D 226 -21.66 18.15 -1.27
C ILE D 226 -22.33 17.32 -0.17
N LEU D 227 -21.58 16.57 0.65
CA LEU D 227 -22.22 15.74 1.69
C LEU D 227 -22.87 16.55 2.81
N LYS D 228 -22.41 17.77 3.03
CA LYS D 228 -22.98 18.66 4.04
C LYS D 228 -24.23 19.40 3.51
N GLU D 229 -24.53 19.32 2.20
CA GLU D 229 -25.70 19.97 1.60
C GLU D 229 -26.74 18.92 1.20
N VAL D 230 -26.31 17.85 0.54
CA VAL D 230 -27.19 16.79 0.07
C VAL D 230 -27.43 15.74 1.15
N GLN D 231 -28.71 15.42 1.42
CA GLN D 231 -29.04 14.40 2.42
C GLN D 231 -28.90 13.00 1.80
N VAL D 232 -28.06 12.15 2.39
CA VAL D 232 -27.86 10.78 1.87
C VAL D 232 -28.84 9.79 2.50
O1 PG4 E . 0.97 30.80 -2.09
C1 PG4 E . 0.66 31.11 -3.45
C2 PG4 E . 0.27 29.88 -4.21
O2 PG4 E . -1.10 29.97 -4.57
C3 PG4 E . -1.43 29.21 -5.73
C4 PG4 E . -2.61 29.81 -6.41
O3 PG4 E . -3.77 29.62 -5.61
C5 PG4 E . -4.95 29.55 -6.40
C6 PG4 E . -6.17 29.51 -5.53
O4 PG4 E . -6.02 30.38 -4.42
C7 PG4 E . -6.61 29.89 -3.24
C8 PG4 E . -6.25 30.78 -2.09
O5 PG4 E . -5.36 30.14 -1.20
PA FDA F . 1.15 4.88 7.20
O1A FDA F . 2.47 5.30 6.66
O2A FDA F . 0.98 3.46 7.62
O5B FDA F . 0.04 5.24 6.10
C5B FDA F . 0.13 6.50 5.39
C4B FDA F . -1.24 6.83 4.87
O4B FDA F . -1.69 5.75 4.02
C3B FDA F . -2.31 6.95 5.96
O3B FDA F . -2.38 8.28 6.45
C2B FDA F . -3.58 6.47 5.25
O2B FDA F . -4.15 7.50 4.47
C1B FDA F . -3.02 5.40 4.31
N9A FDA F . -3.09 4.00 4.72
C8A FDA F . -2.04 3.10 4.71
N7A FDA F . -2.43 1.86 4.88
C5A FDA F . -3.82 1.93 4.92
C6A FDA F . -4.83 0.96 5.08
N6A FDA F . -4.60 -0.34 5.22
N1A FDA F . -6.12 1.38 5.05
C2A FDA F . -6.36 2.69 4.91
N3A FDA F . -5.49 3.69 4.76
C4A FDA F . -4.23 3.24 4.78
N1 FDA F . -1.70 3.17 17.36
C2 FDA F . -2.04 2.02 18.01
O2 FDA F . -1.69 0.93 17.57
N3 FDA F . -2.74 2.13 19.19
C4 FDA F . -3.12 3.34 19.77
O4 FDA F . -3.80 3.32 20.80
C4X FDA F . -2.83 4.51 19.04
N5 FDA F . -3.25 5.74 19.47
C5X FDA F . -3.20 6.84 18.63
C6 FDA F . -3.84 8.03 18.98
C7 FDA F . -3.85 9.10 18.13
C7M FDA F . -4.63 10.33 18.49
C8 FDA F . -3.12 9.03 16.90
C8M FDA F . -3.09 10.19 15.96
C9 FDA F . -2.45 7.88 16.58
C9A FDA F . -2.43 6.79 17.46
N10 FDA F . -1.76 5.58 17.13
C10 FDA F . -2.08 4.41 17.83
C1' FDA F . -0.84 5.50 15.95
C2' FDA F . -1.57 5.12 14.66
O2' FDA F . -2.48 4.04 14.90
C3' FDA F . -0.69 4.72 13.47
O3' FDA F . -0.01 3.49 13.73
C4' FDA F . 0.33 5.73 12.91
O4' FDA F . -0.14 7.06 13.14
C5' FDA F . 0.59 5.51 11.44
O5' FDA F . -0.18 6.48 10.67
P FDA F . -0.65 6.17 9.18
O1P FDA F . -1.55 4.97 9.19
O2P FDA F . -1.19 7.45 8.65
O3P FDA F . 0.73 5.83 8.42
O1 PG4 G . -2.04 -27.66 -13.87
C1 PG4 G . -2.87 -26.52 -13.92
C2 PG4 G . -3.77 -26.54 -15.12
O2 PG4 G . -4.69 -25.45 -15.06
C3 PG4 G . -6.04 -25.86 -14.80
C4 PG4 G . -6.44 -25.45 -13.42
O3 PG4 G . -7.56 -26.22 -13.01
C5 PG4 G . -7.60 -26.43 -11.61
C6 PG4 G . -7.62 -27.90 -11.34
O4 PG4 G . -7.10 -28.16 -10.04
C1 PEG H . 6.18 -26.27 25.19
O1 PEG H . 5.91 -26.83 26.47
C2 PEG H . 7.55 -26.61 24.71
O2 PEG H . 7.82 -25.97 23.48
C3 PEG H . 9.07 -26.34 22.92
C4 PEG H . 8.91 -27.58 22.11
O4 PEG H . 9.63 -27.49 20.88
C1 PEG I . 13.50 -12.82 9.67
O1 PEG I . 12.98 -11.53 9.90
C2 PEG I . 12.99 -13.37 8.38
O2 PEG I . 12.62 -14.72 8.57
C3 PEG I . 13.64 -15.64 8.20
C4 PEG I . 13.05 -16.97 7.86
O4 PEG I . 13.29 -17.31 6.50
PA FDA J . 4.08 -6.96 3.45
O1A FDA J . 2.81 -7.24 4.18
O2A FDA J . 4.90 -5.79 3.89
O5B FDA J . 3.75 -6.82 1.90
C5B FDA J . 2.97 -7.85 1.25
C4B FDA J . 3.33 -7.86 -0.21
O4B FDA J . 3.08 -6.55 -0.76
C3B FDA J . 4.80 -8.14 -0.50
O3B FDA J . 5.05 -9.54 -0.61
C2B FDA J . 5.05 -7.35 -1.79
O2B FDA J . 4.63 -8.08 -2.92
C1B FDA J . 4.15 -6.13 -1.56
N9A FDA J . 4.72 -4.94 -0.95
C8A FDA J . 4.21 -4.31 0.16
N7A FDA J . 4.77 -3.14 0.39
C5A FDA J . 5.64 -2.96 -0.69
C6A FDA J . 6.50 -1.91 -1.04
N6A FDA J . 6.67 -0.81 -0.32
N1A FDA J . 7.24 -2.06 -2.18
C2A FDA J . 7.10 -3.20 -2.88
N3A FDA J . 6.30 -4.23 -2.66
C4A FDA J . 5.59 -4.05 -1.53
N1 FDA J . 13.85 -8.21 7.34
C2 FDA J . 14.75 -7.29 7.79
O2 FDA J . 14.37 -6.20 8.19
N3 FDA J . 16.07 -7.67 7.84
C4 FDA J . 16.56 -8.91 7.45
O4 FDA J . 17.77 -9.13 7.48
C4X FDA J . 15.62 -9.81 6.91
N5 FDA J . 16.00 -11.04 6.47
C5X FDA J . 15.14 -11.85 5.74
C6 FDA J . 15.58 -13.03 5.16
C7 FDA J . 14.75 -13.79 4.38
C7M FDA J . 15.28 -15.01 3.69
C8 FDA J . 13.36 -13.41 4.24
C8M FDA J . 12.43 -14.24 3.40
C9 FDA J . 12.93 -12.27 4.86
C9A FDA J . 13.78 -11.48 5.63
N10 FDA J . 13.32 -10.32 6.30
C10 FDA J . 14.24 -9.44 6.87
C1' FDA J . 11.88 -9.99 6.33
C2' FDA J . 11.44 -9.06 5.18
O2' FDA J . 12.26 -7.90 5.15
C3' FDA J . 9.97 -8.65 5.26
O3' FDA J . 9.71 -7.85 6.41
C4' FDA J . 8.91 -9.75 5.19
O4' FDA J . 9.30 -10.71 4.21
C5' FDA J . 7.54 -9.17 4.92
O5' FDA J . 7.07 -9.68 3.64
P FDA J . 6.28 -8.72 2.63
O1P FDA J . 7.07 -7.52 2.25
O2P FDA J . 5.84 -9.67 1.58
O3P FDA J . 4.99 -8.28 3.48
PA FDA K . -0.09 -4.51 -7.27
PA FDA K . 0.43 -4.37 -7.37
O1A FDA K . 0.86 -3.39 -7.49
O1A FDA K . 1.56 -3.57 -7.92
O2A FDA K . -1.54 -4.21 -7.09
O2A FDA K . -0.91 -3.71 -7.23
O5B FDA K . 0.43 -5.37 -6.02
O5B FDA K . 0.86 -4.97 -5.95
C5B FDA K . 1.83 -5.71 -5.94
C5B FDA K . 2.12 -5.69 -5.87
C4B FDA K . 1.97 -6.77 -4.88
C4B FDA K . 2.00 -6.72 -4.77
O4B FDA K . 1.67 -6.18 -3.59
O4B FDA K . 1.55 -6.07 -3.55
C3B FDA K . 0.99 -7.94 -5.03
C3B FDA K . 0.96 -7.82 -5.01
O3B FDA K . 1.53 -8.96 -5.87
O3B FDA K . 1.50 -8.86 -5.81
C2B FDA K . 0.74 -8.35 -3.58
C2B FDA K . 0.60 -8.23 -3.58
O2B FDA K . 1.83 -9.12 -3.10
O2B FDA K . 1.61 -9.06 -3.04
C1B FDA K . 0.74 -6.99 -2.90
C1B FDA K . 0.63 -6.88 -2.87
N9A FDA K . -0.52 -6.26 -2.81
N9A FDA K . -0.63 -6.15 -2.74
C8A FDA K . -0.73 -4.94 -3.16
C8A FDA K . -0.83 -4.83 -3.05
N7A FDA K . -1.90 -4.49 -2.80
N7A FDA K . -2.00 -4.39 -2.66
C5A FDA K . -2.48 -5.55 -2.09
C5A FDA K . -2.57 -5.46 -1.98
C6A FDA K . -3.72 -5.68 -1.44
C6A FDA K . -3.81 -5.62 -1.33
N6A FDA K . -4.64 -4.72 -1.39
N6A FDA K . -4.73 -4.66 -1.22
N1A FDA K . -3.96 -6.85 -0.81
N1A FDA K . -4.05 -6.82 -0.74
C2A FDA K . -3.02 -7.82 -0.86
C2A FDA K . -3.12 -7.78 -0.84
N3A FDA K . -1.83 -7.81 -1.45
N3A FDA K . -1.93 -7.75 -1.43
C4A FDA K . -1.61 -6.62 -2.06
C4A FDA K . -1.71 -6.54 -1.99
N1 FDA K . -8.09 -8.40 -13.14
N1 FDA K . -7.74 -7.68 -13.20
C2 FDA K . -9.41 -8.07 -13.25
C2 FDA K . -9.10 -7.73 -13.11
O2 FDA K . -9.82 -6.99 -12.85
O2 FDA K . -9.69 -7.05 -12.30
N3 FDA K . -10.24 -8.99 -13.87
N3 FDA K . -9.76 -8.56 -13.99
C4 FDA K . -9.82 -10.22 -14.37
C4 FDA K . -9.13 -9.36 -14.93
O4 FDA K . -10.66 -10.97 -14.86
O4 FDA K . -9.82 -10.07 -15.68
C4X FDA K . -8.46 -10.55 -14.20
C4X FDA K . -7.74 -9.29 -15.01
N5 FDA K . -7.95 -11.73 -14.66
N5 FDA K . -7.02 -10.04 -15.90
C5X FDA K . -6.65 -12.12 -14.39
C5X FDA K . -5.64 -10.01 -15.97
C6 FDA K . -6.20 -13.36 -14.76
C6 FDA K . -4.96 -10.78 -16.89
C7 FDA K . -4.92 -13.77 -14.46
C7 FDA K . -3.60 -10.73 -16.98
C7M FDA K . -4.47 -15.17 -14.83
C7M FDA K . -2.88 -11.61 -17.97
C8 FDA K . -4.02 -12.86 -13.81
C8 FDA K . -2.86 -9.87 -16.10
C8M FDA K . -2.61 -13.28 -13.50
C8M FDA K . -1.36 -9.80 -16.18
C9 FDA K . -4.47 -11.60 -13.49
C9 FDA K . -3.55 -9.10 -15.19
C9A FDA K . -5.76 -11.20 -13.80
C9A FDA K . -4.94 -9.15 -15.11
N10 FDA K . -6.23 -9.90 -13.47
N10 FDA K . -5.65 -8.35 -14.18
C10 FDA K . -7.60 -9.62 -13.55
C10 FDA K . -7.04 -8.44 -14.11
C1' FDA K . -5.27 -8.83 -13.05
C1' FDA K . -4.93 -7.40 -13.28
C2' FDA K . -5.18 -8.64 -11.54
C2' FDA K . -4.52 -8.03 -11.96
O2' FDA K . -6.48 -8.37 -11.01
O2' FDA K . -5.66 -8.63 -11.32
C3' FDA K . -4.25 -7.49 -11.15
C3' FDA K . -3.82 -7.10 -10.97
O3' FDA K . -4.68 -6.27 -11.73
O3' FDA K . -4.74 -6.17 -10.41
C4' FDA K . -2.75 -7.68 -11.40
C4' FDA K . -2.57 -6.35 -11.46
O4' FDA K . -2.37 -9.02 -11.10
O4' FDA K . -1.75 -7.23 -12.22
C5' FDA K . -1.93 -6.69 -10.60
C5' FDA K . -1.76 -5.83 -10.30
O5' FDA K . -0.69 -7.27 -10.15
O5' FDA K . -1.32 -7.03 -9.61
P FDA K . -0.27 -7.15 -8.60
P FDA K . -0.79 -6.93 -8.11
O1P FDA K . -1.45 -7.50 -7.75
O1P FDA K . -1.91 -6.52 -7.21
O2P FDA K . 0.99 -7.92 -8.44
O2P FDA K . -0.09 -8.22 -7.84
O3P FDA K . 0.05 -5.58 -8.47
O3P FDA K . 0.26 -5.72 -8.23
PA FDA L . -5.09 6.18 -2.55
O1A FDA L . -6.28 5.31 -2.29
O2A FDA L . -4.19 5.80 -3.67
O5B FDA L . -4.23 6.29 -1.21
C5B FDA L . -4.89 6.64 0.05
C4B FDA L . -3.89 7.34 0.92
O4B FDA L . -2.73 6.49 1.09
C3B FDA L . -3.35 8.66 0.36
O3B FDA L . -4.17 9.75 0.71
C2B FDA L . -1.94 8.73 0.96
O2B FDA L . -2.00 9.21 2.28
C1B FDA L . -1.55 7.25 0.96
N9A FDA L . -0.76 6.73 -0.17
C8A FDA L . -1.09 5.64 -0.96
N7A FDA L . -0.11 5.29 -1.76
C5A FDA L . 0.94 6.15 -1.43
C6A FDA L . 2.26 6.26 -1.91
N6A FDA L . 2.78 5.48 -2.86
N1A FDA L . 3.04 7.21 -1.34
C2A FDA L . 2.53 7.99 -0.39
N3A FDA L . 1.31 7.97 0.15
C4A FDA L . 0.56 7.01 -0.43
N1 FDA L . -4.15 12.93 -10.80
C2 FDA L . -3.44 12.90 -11.97
O2 FDA L . -2.99 11.86 -12.39
N3 FDA L . -3.33 14.08 -12.66
C4 FDA L . -3.86 15.29 -12.26
O4 FDA L . -3.65 16.30 -12.93
C4X FDA L . -4.50 15.32 -11.01
N5 FDA L . -4.98 16.48 -10.49
C5X FDA L . -5.37 16.55 -9.17
C6 FDA L . -5.66 17.77 -8.57
C7 FDA L . -6.03 17.86 -7.26
C7M FDA L . -6.26 19.21 -6.63
C8 FDA L . -6.15 16.66 -6.48
C8M FDA L . -6.57 16.72 -5.04
C9 FDA L . -5.91 15.45 -7.07
C9A FDA L . -5.58 15.37 -8.43
N10 FDA L . -5.33 14.12 -9.07
C10 FDA L . -4.64 14.11 -10.28
C1' FDA L . -5.73 12.84 -8.43
C2' FDA L . -4.65 12.23 -7.54
O2' FDA L . -3.42 12.20 -8.27
C3' FDA L . -4.92 10.83 -6.99
O3' FDA L . -4.80 9.85 -8.01
C4' FDA L . -6.22 10.54 -6.22
O4' FDA L . -6.62 11.70 -5.49
C5' FDA L . -6.06 9.34 -5.31
O5' FDA L . -5.85 9.86 -3.98
P FDA L . -4.86 9.11 -2.96
O1P FDA L . -3.52 8.93 -3.60
O2P FDA L . -4.95 9.94 -1.72
O3P FDA L . -5.58 7.69 -2.75
#